data_7LY7
#
_entry.id   7LY7
#
_cell.length_a   149.960
_cell.length_b   149.960
_cell.length_c   319.551
_cell.angle_alpha   90.000
_cell.angle_beta   90.000
_cell.angle_gamma   120.000
#
_symmetry.space_group_name_H-M   'P 65 2 2'
#
loop_
_entity.id
_entity.type
_entity.pdbx_description
1 polymer 'BmdC, Oxidase'
2 polymer 'BmdB, Bacillamide NRPS'
3 non-polymer 'FLAVIN MONONUCLEOTIDE'
4 non-polymer "5'-{[(2R,3S)-3-amino-2-({2-[(N-{(2R)-4-[(dihydroxyphosphanyl)oxy]-2-hydroxy-3,3-dimethylbutanoyl}-beta-alanyl)amino]ethyl}sulfanyl)-4-sulfanylbutane-1-sulfonyl]amino}-5'-deoxyadenosine"
#
loop_
_entity_poly.entity_id
_entity_poly.type
_entity_poly.pdbx_seq_one_letter_code
_entity_poly.pdbx_strand_id
1 'polypeptide(L)'
;GAMGEQIFYWSPAKHWRMSDEGVVIGESTYTGMILEWFPEFYFFAQTGVTINRLLERFSSGSEKEANEILELLIQDRVLV
EGILPPREVFSPQEGLFVNPYSEQIRYSKEALDYYVSEQLNRTHAACRSTKIQLETSGALPDIIQKRRSCRRFDMKTPVS
FATFSNLLSSLKQRKEDKILYNYASAGGLYPIDVFVYVKPRRVEGVKAGFYYFNPADHSLVLVNNIDQVIKDDHELINQD
IFAQSAFSVYLVYNARASMPKYGAAGYFYACIEAGIITATLNMVAEDLNVGLCSIGHMNFEEIQTFLKLEDHQVILHAIE
GGLKIDGAAAENLFY
;
B
2 'polypeptide(L)'
;GAMEADLSEPFSLTEVQTAYMLGRNPQFELSGISPQTYFEYETELDIARLSRSFQKVIQRHPMLRAVILPEGKQQILRDV
PEYEIEVESLVSMPPEKQAARLREERSRMIDHVFPLGQWPLFELKAFQLQEHTYLLCFRYDALLMDGASMNLVGQDLMHY
YHQPDAQLPPLSFTFQDYMHIYDDMKRGTEYETAKAYWTNKLPDFPPAPSLLLAKDPAEIGTPNFQSLTTIITKDKWLKL
RRLAQDKQVTPSALLCTVYGEVLAFWSNQRRLAINLTVFNRYPVHDEVEQIVGDFTSLILLDMDMDQKQPFFTKVEQTQS
TLLDGLEHRHYDGVEFIRDYTRYHQMRPKAVMPIVFTSMLAGAGAFAWEEIGSLRHIHARTPQVYLDNVVIEKNGELLVS
WNYVEELFDAEVMESMFTQFVELLDQLVEQGDINPLRISQKDYALIDQYNATAEPIPAATLHQLFIDQAQRTPDQVAVVF
EQEWLTYSELDQRSNQVARFLQSRGIGRGDRVGVLAKRQVETIINLMAVLKAGAAYVPIDPDHPYERQTYILENSSCKIL
LDSDLYETMEISSYADGDLTPVAEPEDTAYVIYTSGSTGRPKGVIITHQAASNTIQDINRKFEVNEEDRIIGISSMCFDL
SVYDIFGTLSAGATLVMIRDPRDMRELVRTVERRGITIWNTVPAIMDLALDHVGSHFENISLRLVLLSGDWIPLPLPAKI
NRHFPVADVISLGGATEASIWSIYWPIEQVEANWKSIPYGKPLANQTYYVLNYDQKMCPVGVIGDLYIGGAGLAQGYLND
DQKTKDAFIMHPEFGPIYKTGDCGRMRPEGYIEFLGRQDYQVKIQGYRVELEEISHCLLTYPDVDQAVVIDQTDERGMKF
LVGYVVAQQEIDEKALRKHLMEHLPEYMIPAHLVHLEQLPLTPNGKLDRKALPVPKKQRNAEKFVAPQAGLEKILASVWQ
EVLNVEQIGANDHFFALGGDSIKAIQVSARLFVQGYHLDTKSLFEFPVLRDVARTIKKLAAAENLFY
;
A
#
# COMPACT_ATOMS: atom_id res chain seq x y z
N GLY A 4 -39.70 -23.70 -25.01
CA GLY A 4 -38.50 -23.22 -24.34
C GLY A 4 -38.66 -21.83 -23.76
N GLU A 5 -39.65 -21.10 -24.26
CA GLU A 5 -39.95 -19.77 -23.76
C GLU A 5 -40.76 -19.86 -22.47
N GLN A 6 -40.60 -18.84 -21.62
CA GLN A 6 -41.33 -18.79 -20.38
C GLN A 6 -42.74 -18.28 -20.66
N ILE A 7 -43.74 -18.90 -20.04
CA ILE A 7 -45.12 -18.48 -20.17
C ILE A 7 -45.56 -17.82 -18.88
N PHE A 8 -46.13 -16.62 -19.01
CA PHE A 8 -46.56 -15.80 -17.90
C PHE A 8 -48.07 -15.71 -17.92
N TYR A 9 -48.67 -15.68 -16.75
CA TYR A 9 -50.12 -15.50 -16.61
C TYR A 9 -50.41 -14.24 -15.82
N TRP A 10 -51.54 -13.61 -16.16
CA TRP A 10 -52.10 -12.57 -15.31
C TRP A 10 -52.35 -13.09 -13.91
N SER A 11 -51.88 -12.33 -12.92
CA SER A 11 -52.02 -12.72 -11.53
C SER A 11 -53.47 -12.62 -11.06
N PRO A 12 -54.03 -13.67 -10.47
CA PRO A 12 -55.39 -13.57 -9.92
C PRO A 12 -55.54 -12.50 -8.85
N ALA A 13 -54.45 -12.13 -8.17
CA ALA A 13 -54.46 -11.15 -7.09
C ALA A 13 -54.59 -9.70 -7.56
N LYS A 14 -54.56 -9.46 -8.86
CA LYS A 14 -54.51 -8.12 -9.43
C LYS A 14 -55.86 -7.83 -10.05
N HIS A 15 -56.54 -6.78 -9.59
CA HIS A 15 -57.75 -6.40 -10.30
C HIS A 15 -57.55 -5.03 -10.93
N TRP A 16 -58.41 -4.74 -11.90
CA TRP A 16 -58.20 -3.61 -12.79
C TRP A 16 -59.47 -2.87 -13.18
N ARG A 17 -59.23 -1.84 -13.98
CA ARG A 17 -60.05 -0.68 -14.29
C ARG A 17 -59.32 0.07 -15.40
N MET A 18 -60.06 0.72 -16.32
CA MET A 18 -59.42 1.65 -17.24
C MET A 18 -59.59 3.07 -16.72
N SER A 19 -58.69 3.97 -17.11
CA SER A 19 -58.77 5.33 -16.56
C SER A 19 -58.42 6.36 -17.61
N ASP A 20 -58.81 7.61 -17.32
CA ASP A 20 -58.28 8.79 -18.01
C ASP A 20 -56.77 8.93 -17.82
N GLU A 21 -56.28 8.64 -16.61
CA GLU A 21 -54.85 8.80 -16.32
C GLU A 21 -54.02 7.78 -17.09
N GLY A 22 -54.51 6.55 -17.17
CA GLY A 22 -53.77 5.44 -17.74
C GLY A 22 -54.42 4.14 -17.31
N VAL A 23 -53.62 3.10 -17.25
CA VAL A 23 -54.13 1.77 -16.96
C VAL A 23 -53.91 1.52 -15.48
N VAL A 24 -54.98 1.42 -14.71
CA VAL A 24 -54.84 1.14 -13.28
C VAL A 24 -54.74 -0.37 -13.11
N ILE A 25 -53.66 -0.83 -12.48
CA ILE A 25 -53.49 -2.25 -12.16
C ILE A 25 -53.02 -2.34 -10.70
N GLY A 26 -53.83 -2.96 -9.86
CA GLY A 26 -53.50 -2.91 -8.44
C GLY A 26 -53.61 -1.50 -7.91
N GLU A 27 -52.54 -1.04 -7.25
CA GLU A 27 -52.50 0.28 -6.64
C GLU A 27 -51.65 1.25 -7.44
N SER A 28 -51.39 0.95 -8.72
CA SER A 28 -50.51 1.77 -9.54
C SER A 28 -51.17 2.08 -10.88
N THR A 29 -50.88 3.27 -11.40
CA THR A 29 -51.32 3.70 -12.71
C THR A 29 -50.14 3.62 -13.67
N TYR A 30 -50.35 3.06 -14.85
CA TYR A 30 -49.29 2.89 -15.83
C TYR A 30 -49.55 3.69 -17.09
N THR A 31 -48.46 4.05 -17.77
CA THR A 31 -48.47 5.03 -18.85
C THR A 31 -47.59 4.50 -19.98
N GLY A 32 -47.79 5.08 -21.16
CA GLY A 32 -46.91 4.80 -22.29
C GLY A 32 -47.51 3.80 -23.24
N MET A 33 -46.69 2.89 -23.78
CA MET A 33 -47.19 1.89 -24.71
C MET A 33 -48.37 1.14 -24.14
N ILE A 34 -48.33 0.85 -22.83
CA ILE A 34 -49.28 -0.07 -22.23
C ILE A 34 -50.71 0.40 -22.42
N LEU A 35 -50.92 1.69 -22.66
CA LEU A 35 -52.29 2.18 -22.85
C LEU A 35 -52.92 1.69 -24.14
N GLU A 36 -52.14 1.54 -25.22
CA GLU A 36 -52.74 1.00 -26.43
C GLU A 36 -52.92 -0.51 -26.37
N TRP A 37 -52.04 -1.20 -25.63
CA TRP A 37 -52.12 -2.66 -25.60
C TRP A 37 -53.35 -3.16 -24.87
N PHE A 38 -53.84 -2.42 -24.06
CA PHE A 38 -54.93 -2.70 -23.15
C PHE A 38 -56.26 -2.22 -23.72
N PRO A 39 -57.40 -2.86 -23.41
CA PRO A 39 -57.60 -3.94 -22.46
C PRO A 39 -57.36 -5.34 -23.04
N GLU A 40 -57.11 -5.41 -24.35
CA GLU A 40 -56.96 -6.72 -24.99
C GLU A 40 -55.84 -7.50 -24.33
N PHE A 41 -54.81 -6.81 -23.86
CA PHE A 41 -53.66 -7.43 -23.21
C PHE A 41 -54.13 -8.22 -21.98
N TYR A 42 -55.12 -7.70 -21.25
CA TYR A 42 -55.65 -8.40 -20.08
C TYR A 42 -56.24 -9.73 -20.49
N PHE A 43 -57.14 -9.69 -21.49
CA PHE A 43 -57.75 -10.90 -22.01
C PHE A 43 -56.67 -11.87 -22.48
N PHE A 44 -55.69 -11.37 -23.25
CA PHE A 44 -54.65 -12.26 -23.76
C PHE A 44 -53.90 -12.91 -22.61
N ALA A 45 -53.57 -12.13 -21.56
CA ALA A 45 -52.68 -12.63 -20.51
C ALA A 45 -53.28 -13.68 -19.59
N GLN A 46 -54.60 -13.77 -19.42
CA GLN A 46 -55.07 -14.81 -18.51
C GLN A 46 -54.79 -16.19 -19.09
N THR A 47 -54.67 -16.28 -20.42
CA THR A 47 -54.53 -17.53 -21.13
C THR A 47 -53.11 -18.06 -21.10
N GLY A 48 -52.14 -17.23 -20.68
CA GLY A 48 -50.76 -17.65 -20.74
C GLY A 48 -49.98 -17.33 -22.00
N VAL A 49 -49.09 -16.34 -21.94
CA VAL A 49 -48.41 -15.83 -23.13
C VAL A 49 -46.95 -15.59 -22.76
N THR A 50 -46.08 -15.74 -23.75
CA THR A 50 -44.66 -15.44 -23.62
C THR A 50 -44.36 -13.96 -23.87
N ILE A 51 -43.11 -13.59 -23.54
CA ILE A 51 -42.64 -12.24 -23.82
C ILE A 51 -42.55 -12.00 -25.33
N ASN A 52 -42.04 -12.98 -26.06
CA ASN A 52 -41.88 -12.86 -27.51
C ASN A 52 -43.22 -12.70 -28.22
N ARG A 53 -44.19 -13.56 -27.89
CA ARG A 53 -45.51 -13.48 -28.49
C ARG A 53 -46.17 -12.13 -28.19
N LEU A 54 -45.98 -11.63 -26.97
CA LEU A 54 -46.51 -10.32 -26.61
C LEU A 54 -45.88 -9.21 -27.44
N LEU A 55 -44.57 -9.27 -27.63
CA LEU A 55 -43.88 -8.27 -28.45
C LEU A 55 -44.39 -8.30 -29.89
N GLU A 56 -44.42 -9.49 -30.53
CA GLU A 56 -44.94 -9.57 -31.90
C GLU A 56 -46.34 -8.96 -32.01
N ARG A 57 -47.17 -9.14 -30.99
CA ARG A 57 -48.55 -8.69 -31.04
C ARG A 57 -48.71 -7.22 -30.67
N PHE A 58 -47.82 -6.66 -29.87
CA PHE A 58 -48.04 -5.32 -29.35
C PHE A 58 -46.92 -4.34 -29.63
N SER A 59 -45.72 -4.82 -29.97
CA SER A 59 -44.51 -4.01 -30.11
C SER A 59 -44.76 -2.79 -30.98
N SER A 60 -45.03 -3.05 -32.26
CA SER A 60 -45.32 -2.06 -33.29
C SER A 60 -44.57 -0.79 -32.97
N GLY A 61 -43.25 -0.87 -33.17
CA GLY A 61 -42.35 0.18 -32.78
C GLY A 61 -41.09 -0.40 -32.15
N SER A 62 -40.53 0.38 -31.24
CA SER A 62 -39.31 0.11 -30.49
C SER A 62 -39.44 -1.15 -29.65
N GLU A 63 -38.71 -2.22 -29.99
CA GLU A 63 -38.75 -3.40 -29.13
C GLU A 63 -38.14 -3.09 -27.78
N LYS A 64 -37.30 -2.05 -27.71
CA LYS A 64 -36.86 -1.56 -26.41
C LYS A 64 -38.02 -0.91 -25.66
N GLU A 65 -38.92 -0.21 -26.37
CA GLU A 65 -40.06 0.44 -25.70
C GLU A 65 -41.07 -0.59 -25.26
N ALA A 66 -41.18 -1.70 -25.99
CA ALA A 66 -42.12 -2.77 -25.64
C ALA A 66 -41.62 -3.59 -24.47
N ASN A 67 -40.31 -3.87 -24.45
CA ASN A 67 -39.70 -4.60 -23.35
C ASN A 67 -39.74 -3.86 -22.02
N GLU A 68 -39.77 -2.53 -22.03
CA GLU A 68 -39.78 -1.81 -20.75
C GLU A 68 -41.08 -2.05 -20.00
N ILE A 69 -42.21 -2.04 -20.70
CA ILE A 69 -43.50 -2.26 -20.03
C ILE A 69 -43.66 -3.73 -19.65
N LEU A 70 -43.17 -4.65 -20.48
CA LEU A 70 -43.22 -6.06 -20.12
C LEU A 70 -42.35 -6.35 -18.91
N GLU A 71 -41.16 -5.74 -18.84
CA GLU A 71 -40.28 -5.95 -17.69
C GLU A 71 -40.93 -5.46 -16.40
N LEU A 72 -41.73 -4.40 -16.47
CA LEU A 72 -42.33 -3.82 -15.26
C LEU A 72 -43.55 -4.61 -14.79
N LEU A 73 -44.36 -5.13 -15.72
CA LEU A 73 -45.49 -5.95 -15.32
C LEU A 73 -45.06 -7.26 -14.68
N ILE A 74 -43.91 -7.81 -15.08
CA ILE A 74 -43.39 -9.00 -14.41
C ILE A 74 -42.81 -8.63 -13.05
N GLN A 75 -42.11 -7.50 -12.98
CA GLN A 75 -41.50 -7.04 -11.74
C GLN A 75 -42.55 -6.75 -10.68
N ASP A 76 -43.61 -6.03 -11.06
CA ASP A 76 -44.67 -5.63 -10.15
C ASP A 76 -45.67 -6.76 -9.90
N ARG A 77 -45.38 -7.94 -10.44
CA ARG A 77 -46.12 -9.18 -10.16
C ARG A 77 -47.52 -9.16 -10.78
N VAL A 78 -47.69 -8.40 -11.86
CA VAL A 78 -48.94 -8.48 -12.60
C VAL A 78 -48.90 -9.66 -13.56
N LEU A 79 -47.71 -9.99 -14.03
CA LEU A 79 -47.44 -11.17 -14.86
C LEU A 79 -46.50 -12.07 -14.06
N VAL A 80 -46.90 -13.32 -13.87
CA VAL A 80 -46.20 -14.23 -12.98
C VAL A 80 -45.96 -15.56 -13.71
N GLU A 81 -45.05 -16.35 -13.16
CA GLU A 81 -44.56 -17.55 -13.81
C GLU A 81 -45.09 -18.83 -13.17
N GLY A 82 -45.77 -18.73 -12.04
CA GLY A 82 -46.24 -19.93 -11.36
C GLY A 82 -47.21 -19.56 -10.26
N ILE A 83 -47.48 -20.54 -9.39
CA ILE A 83 -48.48 -20.35 -8.34
C ILE A 83 -48.12 -19.19 -7.43
N LEU A 84 -49.16 -18.49 -6.95
CA LEU A 84 -48.96 -17.35 -6.07
C LEU A 84 -48.64 -17.79 -4.64
N PRO A 85 -47.80 -17.03 -3.94
CA PRO A 85 -47.61 -17.27 -2.51
C PRO A 85 -48.87 -16.89 -1.74
N PRO A 86 -49.04 -17.41 -0.52
CA PRO A 86 -50.29 -17.17 0.23
C PRO A 86 -50.68 -15.70 0.33
N ARG A 87 -49.70 -14.81 0.55
CA ARG A 87 -49.99 -13.39 0.75
C ARG A 87 -50.64 -12.74 -0.46
N GLU A 88 -50.29 -13.19 -1.66
CA GLU A 88 -50.92 -12.64 -2.87
C GLU A 88 -52.30 -13.27 -3.09
N VAL A 89 -52.43 -14.54 -2.76
CA VAL A 89 -53.72 -15.24 -2.84
C VAL A 89 -54.81 -14.48 -2.10
N PHE A 90 -54.53 -14.09 -0.86
CA PHE A 90 -55.53 -13.49 0.03
C PHE A 90 -55.63 -11.97 -0.08
N SER A 91 -54.76 -11.31 -0.84
CA SER A 91 -54.75 -9.85 -0.85
C SER A 91 -56.06 -9.19 -1.28
N PRO A 92 -56.82 -9.71 -2.26
CA PRO A 92 -58.10 -9.06 -2.60
C PRO A 92 -59.12 -9.04 -1.47
N GLN A 93 -58.98 -9.89 -0.46
CA GLN A 93 -59.93 -9.94 0.65
C GLN A 93 -60.01 -8.66 1.47
N GLU A 94 -59.01 -7.78 1.40
CA GLU A 94 -59.07 -6.53 2.16
C GLU A 94 -60.25 -5.66 1.71
N GLY A 95 -60.58 -5.69 0.43
CA GLY A 95 -61.68 -4.91 -0.10
C GLY A 95 -63.06 -5.46 0.22
N LEU A 96 -63.12 -6.62 0.88
CA LEU A 96 -64.39 -7.24 1.23
C LEU A 96 -64.70 -7.21 2.72
N PHE A 97 -63.71 -6.97 3.58
CA PHE A 97 -63.91 -6.98 5.02
C PHE A 97 -64.15 -5.56 5.50
N VAL A 98 -65.34 -5.30 6.04
CA VAL A 98 -65.63 -4.02 6.66
C VAL A 98 -65.15 -4.00 8.11
N ASN A 99 -64.17 -3.14 8.40
CA ASN A 99 -63.54 -3.11 9.71
C ASN A 99 -64.28 -2.14 10.62
N PRO A 100 -64.89 -2.60 11.72
CA PRO A 100 -65.61 -1.67 12.61
C PRO A 100 -64.74 -0.98 13.65
N TYR A 101 -63.47 -1.37 13.80
CA TYR A 101 -62.55 -0.75 14.73
C TYR A 101 -61.67 0.30 14.05
N SER A 102 -60.93 1.03 14.88
CA SER A 102 -60.01 2.05 14.41
C SER A 102 -58.66 1.41 14.09
N GLU A 103 -57.94 2.04 13.16
CA GLU A 103 -56.61 1.56 12.80
C GLU A 103 -55.60 1.61 13.95
N GLN A 104 -55.87 2.39 15.00
CA GLN A 104 -54.88 2.52 16.07
C GLN A 104 -54.64 1.23 16.84
N ILE A 105 -55.45 0.19 16.65
CA ILE A 105 -55.12 -1.10 17.24
C ILE A 105 -53.73 -1.57 16.78
N ARG A 106 -53.36 -1.27 15.53
CA ARG A 106 -52.10 -1.77 15.02
C ARG A 106 -50.92 -0.90 15.44
N TYR A 107 -51.18 0.36 15.79
CA TYR A 107 -50.13 1.34 16.07
C TYR A 107 -49.96 1.62 17.55
N SER A 108 -50.90 1.19 18.39
CA SER A 108 -50.92 1.57 19.81
C SER A 108 -51.08 0.30 20.62
N LYS A 109 -50.09 0.02 21.48
CA LYS A 109 -50.16 -1.13 22.37
C LYS A 109 -51.37 -1.05 23.29
N GLU A 110 -51.83 0.15 23.62
CA GLU A 110 -52.99 0.31 24.50
C GLU A 110 -54.30 0.03 23.75
N ALA A 111 -54.39 0.45 22.50
CA ALA A 111 -55.57 0.14 21.69
C ALA A 111 -55.64 -1.35 21.37
N LEU A 112 -54.49 -2.00 21.17
CA LEU A 112 -54.49 -3.43 20.86
C LEU A 112 -54.86 -4.25 22.08
N ASP A 113 -54.24 -3.96 23.23
CA ASP A 113 -54.56 -4.70 24.45
C ASP A 113 -56.05 -4.69 24.75
N TYR A 114 -56.76 -3.64 24.33
CA TYR A 114 -58.19 -3.58 24.57
C TYR A 114 -58.95 -4.37 23.50
N TYR A 115 -58.53 -4.24 22.24
CA TYR A 115 -59.13 -5.00 21.16
C TYR A 115 -59.00 -6.51 21.42
N VAL A 116 -57.86 -6.92 21.97
CA VAL A 116 -57.62 -8.34 22.21
C VAL A 116 -58.57 -8.86 23.28
N SER A 117 -58.63 -8.17 24.42
CA SER A 117 -59.49 -8.59 25.52
C SER A 117 -60.95 -8.62 25.09
N GLU A 118 -61.33 -7.78 24.13
CA GLU A 118 -62.70 -7.83 23.62
C GLU A 118 -62.91 -9.07 22.76
N GLN A 119 -61.91 -9.41 21.94
CA GLN A 119 -62.02 -10.57 21.08
C GLN A 119 -61.88 -11.87 21.86
N LEU A 120 -61.23 -11.86 23.02
CA LEU A 120 -61.14 -13.08 23.81
C LEU A 120 -62.38 -13.34 24.66
N ASN A 121 -63.25 -12.34 24.85
CA ASN A 121 -64.52 -12.55 25.55
C ASN A 121 -65.72 -12.44 24.62
N ARG A 122 -65.50 -12.61 23.32
CA ARG A 122 -66.55 -12.56 22.32
C ARG A 122 -67.39 -13.84 22.32
N THR A 123 -68.62 -13.70 21.84
CA THR A 123 -69.52 -14.81 21.60
C THR A 123 -70.22 -14.64 20.26
N HIS A 124 -70.68 -15.75 19.71
CA HIS A 124 -71.50 -15.69 18.51
C HIS A 124 -72.82 -14.99 18.82
N ALA A 125 -73.28 -14.15 17.89
CA ALA A 125 -74.41 -13.26 18.16
C ALA A 125 -75.73 -14.01 18.18
N ALA A 126 -75.84 -15.14 17.49
CA ALA A 126 -77.08 -15.89 17.37
C ALA A 126 -77.23 -16.96 18.44
N CYS A 127 -76.75 -16.68 19.65
CA CYS A 127 -76.81 -17.60 20.77
C CYS A 127 -78.14 -17.49 21.51
N ARG A 128 -78.72 -18.63 21.84
CA ARG A 128 -79.92 -18.74 22.66
C ARG A 128 -79.60 -18.73 24.15
N SER A 129 -80.64 -18.51 24.95
CA SER A 129 -80.53 -18.41 26.41
C SER A 129 -80.56 -19.77 27.08
N THR A 130 -79.88 -20.76 26.52
CA THR A 130 -79.68 -22.02 27.22
C THR A 130 -78.20 -22.32 27.36
N LYS A 131 -77.85 -23.05 28.43
CA LYS A 131 -76.45 -23.30 28.74
C LYS A 131 -76.29 -24.70 29.30
N ILE A 132 -75.15 -25.31 28.98
CA ILE A 132 -74.73 -26.57 29.58
C ILE A 132 -73.31 -26.39 30.13
N GLN A 133 -73.20 -26.25 31.44
CA GLN A 133 -71.89 -26.10 32.07
C GLN A 133 -71.23 -27.48 32.10
N LEU A 134 -70.09 -27.61 31.43
CA LEU A 134 -69.43 -28.91 31.37
C LEU A 134 -68.54 -29.15 32.57
N GLU A 135 -67.42 -29.87 32.38
CA GLU A 135 -66.52 -30.19 33.49
C GLU A 135 -65.06 -30.00 33.09
N THR A 136 -64.36 -29.20 33.88
CA THR A 136 -62.93 -28.96 33.74
C THR A 136 -62.12 -30.03 34.47
N SER A 137 -62.80 -30.91 35.21
CA SER A 137 -62.19 -31.90 36.09
C SER A 137 -61.14 -32.78 35.42
N GLY A 138 -61.01 -32.71 34.10
CA GLY A 138 -60.18 -33.63 33.36
C GLY A 138 -58.71 -33.30 33.53
N ALA A 139 -57.86 -34.12 32.92
CA ALA A 139 -56.41 -33.91 32.98
C ALA A 139 -55.86 -33.86 31.56
N LEU A 140 -55.04 -32.85 31.28
CA LEU A 140 -54.52 -32.82 29.94
C LEU A 140 -53.04 -33.19 29.92
N PRO A 141 -52.58 -33.86 28.87
CA PRO A 141 -51.16 -34.20 28.76
C PRO A 141 -50.31 -32.96 28.89
N ASP A 142 -49.16 -33.08 29.56
CA ASP A 142 -48.33 -31.90 29.76
C ASP A 142 -47.74 -31.42 28.45
N ILE A 143 -47.45 -32.34 27.52
CA ILE A 143 -46.92 -31.94 26.23
C ILE A 143 -47.87 -31.02 25.48
N ILE A 144 -49.18 -31.12 25.72
CA ILE A 144 -50.12 -30.19 25.07
C ILE A 144 -50.33 -28.94 25.90
N GLN A 145 -50.54 -29.10 27.21
CA GLN A 145 -50.94 -27.99 28.06
C GLN A 145 -49.77 -27.07 28.42
N LYS A 146 -48.55 -27.58 28.39
CA LYS A 146 -47.39 -26.78 28.75
C LYS A 146 -46.62 -26.22 27.56
N ARG A 147 -46.98 -26.57 26.34
CA ARG A 147 -46.33 -25.96 25.19
C ARG A 147 -46.52 -24.45 25.22
N ARG A 148 -45.42 -23.73 25.05
CA ARG A 148 -45.46 -22.28 24.91
C ARG A 148 -44.59 -21.90 23.73
N SER A 149 -44.80 -20.70 23.21
CA SER A 149 -43.92 -20.16 22.18
C SER A 149 -42.62 -19.66 22.79
N CYS A 150 -41.51 -20.27 22.41
CA CYS A 150 -40.20 -19.99 22.98
C CYS A 150 -39.55 -19.00 22.03
N ARG A 151 -39.20 -17.81 22.53
CA ARG A 151 -38.59 -16.77 21.69
C ARG A 151 -37.17 -16.42 22.14
N ARG A 152 -36.64 -17.16 23.09
CA ARG A 152 -35.25 -17.02 23.52
C ARG A 152 -34.68 -18.41 23.74
N PHE A 153 -33.51 -18.70 23.17
CA PHE A 153 -32.99 -20.07 23.21
C PHE A 153 -31.58 -20.10 23.83
N ASP A 154 -31.21 -21.29 24.29
CA ASP A 154 -29.84 -21.59 24.71
C ASP A 154 -28.94 -21.60 23.47
N MET A 155 -28.13 -20.55 23.33
CA MET A 155 -27.25 -20.34 22.20
C MET A 155 -25.87 -20.99 22.36
N LYS A 156 -25.62 -21.69 23.46
CA LYS A 156 -24.37 -22.38 23.71
C LYS A 156 -24.46 -23.89 23.56
N THR A 157 -25.37 -24.52 24.27
CA THR A 157 -25.46 -25.96 24.20
C THR A 157 -25.96 -26.34 22.81
N PRO A 158 -25.20 -27.08 22.02
CA PRO A 158 -25.71 -27.53 20.73
C PRO A 158 -26.87 -28.49 20.91
N VAL A 159 -27.82 -28.44 19.97
CA VAL A 159 -28.85 -29.46 19.95
C VAL A 159 -28.17 -30.80 19.67
N SER A 160 -28.37 -31.77 20.56
CA SER A 160 -27.76 -33.07 20.38
C SER A 160 -28.28 -33.72 19.11
N PHE A 161 -27.41 -34.52 18.48
CA PHE A 161 -27.82 -35.22 17.27
C PHE A 161 -29.00 -36.15 17.51
N ALA A 162 -29.08 -36.72 18.72
CA ALA A 162 -30.21 -37.58 19.05
C ALA A 162 -31.50 -36.77 19.17
N THR A 163 -31.43 -35.65 19.89
CA THR A 163 -32.59 -34.76 20.03
C THR A 163 -33.07 -34.27 18.67
N PHE A 164 -32.15 -33.78 17.84
CA PHE A 164 -32.53 -33.27 16.52
C PHE A 164 -33.13 -34.39 15.65
N SER A 165 -32.56 -35.59 15.73
CA SER A 165 -33.12 -36.71 14.98
C SER A 165 -34.52 -37.06 15.46
N ASN A 166 -34.75 -37.02 16.77
CA ASN A 166 -36.06 -37.38 17.30
C ASN A 166 -37.14 -36.37 16.88
N LEU A 167 -36.82 -35.08 16.98
CA LEU A 167 -37.78 -34.05 16.58
C LEU A 167 -38.22 -34.24 15.13
N LEU A 168 -37.26 -34.48 14.24
CA LEU A 168 -37.54 -34.57 12.81
C LEU A 168 -38.12 -35.92 12.41
N SER A 169 -38.08 -36.92 13.28
CA SER A 169 -38.72 -38.21 13.04
C SER A 169 -40.24 -38.16 13.13
N SER A 170 -40.80 -37.07 13.67
CA SER A 170 -42.24 -36.86 13.63
C SER A 170 -42.79 -36.73 12.21
N LEU A 171 -41.94 -36.36 11.26
CA LEU A 171 -42.31 -36.12 9.87
C LEU A 171 -41.94 -37.25 8.92
N LYS A 172 -41.36 -38.35 9.42
CA LYS A 172 -40.85 -39.38 8.54
C LYS A 172 -41.96 -40.36 8.15
N GLN A 173 -41.67 -41.18 7.16
CA GLN A 173 -42.57 -42.23 6.70
C GLN A 173 -42.43 -43.51 7.52
N ARG A 174 -43.44 -44.37 7.40
CA ARG A 174 -43.50 -45.65 8.10
C ARG A 174 -44.10 -46.65 7.12
N LYS A 175 -43.30 -47.62 6.69
CA LYS A 175 -43.76 -48.69 5.81
C LYS A 175 -44.37 -49.87 6.55
N GLU A 176 -45.65 -50.13 6.28
CA GLU A 176 -46.44 -51.10 7.03
C GLU A 176 -47.63 -51.52 6.20
N ASP A 177 -47.39 -52.22 5.08
CA ASP A 177 -48.40 -52.60 4.10
C ASP A 177 -48.84 -51.42 3.24
N LYS A 178 -48.41 -50.20 3.57
CA LYS A 178 -48.83 -48.93 3.00
C LYS A 178 -48.01 -47.86 3.71
N ILE A 179 -47.67 -46.79 2.99
CA ILE A 179 -46.87 -45.73 3.58
C ILE A 179 -47.71 -44.95 4.57
N LEU A 180 -47.15 -44.67 5.74
CA LEU A 180 -47.84 -43.94 6.78
C LEU A 180 -46.93 -42.88 7.37
N TYR A 181 -47.53 -41.78 7.81
CA TYR A 181 -46.89 -40.74 8.60
C TYR A 181 -47.49 -40.74 10.01
N ASN A 182 -46.97 -39.82 10.83
CA ASN A 182 -47.47 -39.60 12.17
C ASN A 182 -48.45 -38.43 12.21
N TYR A 183 -48.85 -37.92 11.05
CA TYR A 183 -49.75 -36.79 10.96
C TYR A 183 -50.60 -36.93 9.70
N ALA A 184 -51.73 -36.22 9.69
CA ALA A 184 -52.75 -36.36 8.67
C ALA A 184 -52.45 -35.48 7.45
N SER A 185 -53.08 -35.84 6.34
CA SER A 185 -52.87 -35.13 5.07
C SER A 185 -54.05 -35.44 4.16
N ALA A 186 -54.71 -34.39 3.68
CA ALA A 186 -55.83 -34.53 2.75
C ALA A 186 -55.50 -35.54 1.65
N GLY A 187 -56.30 -36.60 1.55
CA GLY A 187 -56.03 -37.60 0.55
C GLY A 187 -54.77 -38.40 0.75
N GLY A 188 -54.12 -38.27 1.91
CA GLY A 188 -52.85 -38.92 2.15
C GLY A 188 -51.78 -38.64 1.12
N LEU A 189 -51.81 -37.45 0.52
CA LEU A 189 -50.86 -37.10 -0.53
C LEU A 189 -49.60 -36.44 0.01
N TYR A 190 -49.65 -35.90 1.23
CA TYR A 190 -48.54 -35.29 1.94
C TYR A 190 -47.69 -34.37 1.04
N PRO A 191 -48.28 -33.28 0.54
CA PRO A 191 -47.59 -32.43 -0.45
C PRO A 191 -46.70 -31.34 0.13
N ILE A 192 -46.48 -31.32 1.43
CA ILE A 192 -45.58 -30.36 2.06
C ILE A 192 -44.14 -30.87 2.05
N ASP A 193 -43.27 -30.19 1.28
CA ASP A 193 -41.84 -30.35 1.43
C ASP A 193 -41.34 -29.66 2.69
N VAL A 194 -40.47 -30.35 3.42
CA VAL A 194 -39.93 -29.85 4.67
C VAL A 194 -38.46 -29.53 4.45
N PHE A 195 -38.08 -28.28 4.74
CA PHE A 195 -36.70 -27.82 4.63
C PHE A 195 -36.23 -27.32 5.99
N VAL A 196 -34.91 -27.39 6.21
CA VAL A 196 -34.32 -26.89 7.44
C VAL A 196 -33.08 -26.08 7.08
N TYR A 197 -32.93 -24.93 7.71
CA TYR A 197 -31.68 -24.19 7.73
C TYR A 197 -31.05 -24.36 9.11
N VAL A 198 -29.80 -24.81 9.14
CA VAL A 198 -29.07 -25.01 10.39
C VAL A 198 -27.97 -23.97 10.49
N LYS A 199 -27.85 -23.33 11.64
CA LYS A 199 -26.81 -22.36 11.91
C LYS A 199 -25.52 -23.10 12.25
N PRO A 200 -24.36 -22.45 12.08
CA PRO A 200 -23.10 -23.14 12.38
C PRO A 200 -23.01 -23.49 13.86
N ARG A 201 -22.61 -24.73 14.13
CA ARG A 201 -22.26 -25.22 15.46
C ARG A 201 -23.45 -25.37 16.39
N ARG A 202 -24.67 -25.21 15.89
CA ARG A 202 -25.85 -25.20 16.75
C ARG A 202 -26.58 -26.52 16.79
N VAL A 203 -26.27 -27.43 15.88
CA VAL A 203 -26.88 -28.75 15.82
C VAL A 203 -25.73 -29.72 15.61
N GLU A 204 -25.46 -30.55 16.61
CA GLU A 204 -24.42 -31.56 16.52
C GLU A 204 -24.64 -32.42 15.27
N GLY A 205 -23.60 -32.49 14.43
CA GLY A 205 -23.63 -33.37 13.29
C GLY A 205 -24.10 -32.75 11.99
N VAL A 206 -24.47 -31.46 11.98
CA VAL A 206 -25.11 -30.84 10.83
C VAL A 206 -24.41 -29.52 10.55
N LYS A 207 -23.64 -29.48 9.47
CA LYS A 207 -22.99 -28.24 9.03
C LYS A 207 -24.04 -27.21 8.63
N ALA A 208 -23.70 -25.94 8.79
CA ALA A 208 -24.59 -24.87 8.36
C ALA A 208 -25.05 -25.10 6.92
N GLY A 209 -26.25 -24.61 6.61
CA GLY A 209 -26.75 -24.71 5.26
C GLY A 209 -28.22 -25.06 5.16
N PHE A 210 -28.76 -25.01 3.95
CA PHE A 210 -30.13 -25.39 3.69
C PHE A 210 -30.20 -26.86 3.29
N TYR A 211 -31.07 -27.63 3.93
CA TYR A 211 -31.21 -29.04 3.60
C TYR A 211 -32.67 -29.34 3.27
N TYR A 212 -32.87 -30.31 2.37
CA TYR A 212 -34.20 -30.86 2.11
C TYR A 212 -34.34 -32.16 2.90
N PHE A 213 -35.35 -32.23 3.77
CA PHE A 213 -35.60 -33.44 4.54
C PHE A 213 -36.39 -34.46 3.70
N ASN A 214 -35.77 -35.61 3.43
CA ASN A 214 -36.42 -36.67 2.67
C ASN A 214 -37.11 -37.62 3.64
N PRO A 215 -38.44 -37.61 3.76
CA PRO A 215 -39.09 -38.46 4.77
C PRO A 215 -39.00 -39.94 4.46
N ALA A 216 -38.69 -40.32 3.22
CA ALA A 216 -38.64 -41.73 2.86
C ALA A 216 -37.34 -42.39 3.31
N ASP A 217 -36.23 -41.65 3.30
CA ASP A 217 -34.95 -42.15 3.77
C ASP A 217 -34.72 -41.80 5.24
N HIS A 218 -35.44 -40.79 5.74
CA HIS A 218 -35.13 -40.11 7.00
C HIS A 218 -33.74 -39.47 6.95
N SER A 219 -33.51 -38.67 5.93
CA SER A 219 -32.19 -38.07 5.70
C SER A 219 -32.35 -36.59 5.39
N LEU A 220 -31.30 -35.84 5.70
CA LEU A 220 -31.13 -34.48 5.20
C LEU A 220 -30.25 -34.50 3.96
N VAL A 221 -30.65 -33.73 2.95
CA VAL A 221 -29.91 -33.65 1.70
C VAL A 221 -29.63 -32.17 1.43
N LEU A 222 -28.34 -31.82 1.32
CA LEU A 222 -27.95 -30.43 1.21
C LEU A 222 -28.55 -29.80 -0.05
N VAL A 223 -28.98 -28.55 0.06
CA VAL A 223 -29.43 -27.77 -1.07
C VAL A 223 -28.53 -26.57 -1.33
N ASN A 224 -28.03 -25.94 -0.26
CA ASN A 224 -27.32 -24.68 -0.38
C ASN A 224 -26.53 -24.47 0.90
N ASN A 225 -25.20 -24.52 0.80
CA ASN A 225 -24.32 -24.16 1.91
C ASN A 225 -23.66 -22.81 1.70
N ILE A 226 -23.82 -22.20 0.53
CA ILE A 226 -23.19 -20.92 0.25
C ILE A 226 -23.93 -19.79 0.96
N ASP A 227 -25.24 -19.71 0.75
CA ASP A 227 -26.02 -18.61 1.30
C ASP A 227 -26.39 -18.93 2.75
N GLN A 228 -26.94 -17.91 3.43
CA GLN A 228 -27.39 -18.08 4.80
C GLN A 228 -28.51 -17.10 5.08
N VAL A 229 -29.30 -17.41 6.10
CA VAL A 229 -30.36 -16.53 6.57
C VAL A 229 -29.74 -15.51 7.51
N ILE A 230 -30.17 -14.26 7.40
CA ILE A 230 -29.69 -13.19 8.27
C ILE A 230 -30.87 -12.50 8.93
N LYS A 231 -30.56 -11.61 9.87
CA LYS A 231 -31.61 -10.95 10.65
C LYS A 231 -32.41 -9.97 9.81
N ASP A 232 -31.83 -9.41 8.76
CA ASP A 232 -32.60 -8.49 7.92
C ASP A 232 -33.63 -9.19 7.07
N ASP A 233 -33.55 -10.52 6.96
CA ASP A 233 -34.60 -11.31 6.31
C ASP A 233 -35.83 -11.49 7.19
N HIS A 234 -35.80 -11.07 8.44
CA HIS A 234 -36.88 -11.26 9.38
C HIS A 234 -37.52 -9.92 9.74
N GLU A 235 -38.79 -9.98 10.14
CA GLU A 235 -39.45 -8.80 10.69
C GLU A 235 -38.77 -8.37 11.97
N LEU A 236 -38.77 -7.04 12.21
CA LEU A 236 -38.07 -6.49 13.36
C LEU A 236 -38.45 -7.20 14.64
N ILE A 237 -39.74 -7.46 14.84
CA ILE A 237 -40.22 -8.05 16.08
C ILE A 237 -39.77 -9.50 16.24
N ASN A 238 -39.19 -10.10 15.21
CA ASN A 238 -38.77 -11.50 15.25
C ASN A 238 -37.25 -11.69 15.14
N GLN A 239 -36.48 -10.61 14.97
CA GLN A 239 -35.06 -10.79 14.66
C GLN A 239 -34.29 -11.40 15.81
N ASP A 240 -34.69 -11.10 17.05
CA ASP A 240 -34.03 -11.72 18.20
C ASP A 240 -34.44 -13.17 18.38
N ILE A 241 -35.66 -13.54 17.94
CA ILE A 241 -36.03 -14.95 17.93
C ILE A 241 -35.09 -15.73 17.01
N PHE A 242 -34.91 -15.23 15.79
CA PHE A 242 -34.03 -15.90 14.83
C PHE A 242 -32.57 -15.88 15.27
N ALA A 243 -32.09 -14.74 15.76
CA ALA A 243 -30.71 -14.64 16.22
C ALA A 243 -30.34 -15.77 17.18
N GLN A 244 -31.22 -16.09 18.12
CA GLN A 244 -30.90 -17.06 19.16
C GLN A 244 -31.09 -18.49 18.68
N SER A 245 -31.92 -18.71 17.67
CA SER A 245 -32.38 -20.04 17.33
C SER A 245 -31.24 -20.87 16.74
N ALA A 246 -31.36 -22.19 16.89
CA ALA A 246 -30.40 -23.14 16.36
C ALA A 246 -30.70 -23.52 14.92
N PHE A 247 -31.96 -23.51 14.52
CA PHE A 247 -32.34 -23.90 13.17
C PHE A 247 -33.64 -23.20 12.79
N SER A 248 -33.95 -23.26 11.50
CA SER A 248 -35.17 -22.67 10.96
C SER A 248 -35.86 -23.74 10.13
N VAL A 249 -37.15 -23.96 10.38
CA VAL A 249 -37.97 -24.86 9.57
C VAL A 249 -38.78 -24.04 8.59
N TYR A 250 -38.89 -24.54 7.35
CA TYR A 250 -39.64 -23.91 6.29
C TYR A 250 -40.62 -24.91 5.71
N LEU A 251 -41.91 -24.59 5.73
CA LEU A 251 -42.94 -25.47 5.19
C LEU A 251 -43.33 -25.02 3.80
N VAL A 252 -43.14 -25.91 2.82
CA VAL A 252 -43.24 -25.58 1.40
C VAL A 252 -44.30 -26.47 0.76
N TYR A 253 -45.23 -25.84 0.05
CA TYR A 253 -46.29 -26.57 -0.66
C TYR A 253 -45.81 -27.01 -2.03
N ASN A 254 -45.88 -28.32 -2.31
CA ASN A 254 -45.55 -28.88 -3.61
C ASN A 254 -46.84 -29.11 -4.38
N ALA A 255 -47.21 -28.14 -5.22
CA ALA A 255 -48.45 -28.23 -5.99
C ALA A 255 -48.53 -29.51 -6.82
N ARG A 256 -47.39 -30.04 -7.26
CA ARG A 256 -47.40 -31.24 -8.08
C ARG A 256 -47.82 -32.50 -7.31
N ALA A 257 -47.77 -32.45 -5.97
CA ALA A 257 -48.15 -33.57 -5.13
C ALA A 257 -49.59 -33.51 -4.66
N SER A 258 -50.39 -32.59 -5.20
CA SER A 258 -51.71 -32.31 -4.64
C SER A 258 -52.72 -31.89 -5.69
N MET A 259 -52.42 -30.80 -6.40
CA MET A 259 -53.39 -30.21 -7.31
C MET A 259 -53.87 -31.15 -8.43
N PRO A 260 -53.06 -32.05 -8.98
CA PRO A 260 -53.60 -33.00 -9.98
C PRO A 260 -54.80 -33.81 -9.51
N LYS A 261 -55.01 -33.96 -8.20
CA LYS A 261 -56.15 -34.70 -7.66
C LYS A 261 -57.27 -33.79 -7.16
N TYR A 262 -56.95 -32.82 -6.31
CA TYR A 262 -57.96 -32.03 -5.61
C TYR A 262 -58.16 -30.65 -6.20
N GLY A 263 -57.43 -30.30 -7.25
CA GLY A 263 -57.53 -28.95 -7.75
C GLY A 263 -57.09 -27.93 -6.71
N ALA A 264 -57.66 -26.73 -6.84
CA ALA A 264 -57.25 -25.61 -5.99
C ALA A 264 -57.43 -25.91 -4.51
N ALA A 265 -58.37 -26.79 -4.15
CA ALA A 265 -58.57 -27.10 -2.74
C ALA A 265 -57.37 -27.77 -2.11
N GLY A 266 -56.52 -28.41 -2.91
CA GLY A 266 -55.29 -29.00 -2.38
C GLY A 266 -54.30 -27.96 -1.86
N TYR A 267 -54.28 -26.78 -2.48
CA TYR A 267 -53.48 -25.68 -1.93
C TYR A 267 -54.04 -25.25 -0.59
N PHE A 268 -55.36 -25.15 -0.48
CA PHE A 268 -56.02 -24.88 0.80
C PHE A 268 -55.73 -25.96 1.83
N TYR A 269 -55.84 -27.23 1.43
CA TYR A 269 -55.57 -28.32 2.34
C TYR A 269 -54.13 -28.29 2.87
N ALA A 270 -53.18 -27.90 2.01
CA ALA A 270 -51.78 -27.85 2.45
C ALA A 270 -51.55 -26.76 3.48
N CYS A 271 -52.29 -25.65 3.40
CA CYS A 271 -52.22 -24.63 4.44
C CYS A 271 -52.70 -25.18 5.78
N ILE A 272 -53.80 -25.96 5.76
CA ILE A 272 -54.25 -26.63 6.97
C ILE A 272 -53.18 -27.62 7.43
N GLU A 273 -52.65 -28.40 6.50
CA GLU A 273 -51.65 -29.41 6.85
C GLU A 273 -50.40 -28.77 7.44
N ALA A 274 -50.05 -27.56 6.99
CA ALA A 274 -48.92 -26.84 7.56
C ALA A 274 -49.13 -26.62 9.06
N GLY A 275 -50.36 -26.27 9.44
CA GLY A 275 -50.64 -26.10 10.86
C GLY A 275 -50.57 -27.41 11.60
N ILE A 276 -51.10 -28.48 10.99
CA ILE A 276 -50.99 -29.82 11.57
C ILE A 276 -49.54 -30.15 11.85
N ILE A 277 -48.66 -29.89 10.87
CA ILE A 277 -47.24 -30.16 11.03
C ILE A 277 -46.66 -29.30 12.14
N THR A 278 -46.91 -27.99 12.07
CA THR A 278 -46.44 -27.05 13.09
C THR A 278 -46.81 -27.51 14.49
N ALA A 279 -48.09 -27.85 14.69
CA ALA A 279 -48.55 -28.25 16.02
C ALA A 279 -47.93 -29.57 16.45
N THR A 280 -47.85 -30.53 15.50
CA THR A 280 -47.23 -31.81 15.78
C THR A 280 -45.79 -31.61 16.23
N LEU A 281 -45.01 -30.85 15.45
CA LEU A 281 -43.66 -30.48 15.83
C LEU A 281 -43.57 -29.91 17.24
N ASN A 282 -44.40 -28.91 17.56
CA ASN A 282 -44.24 -28.23 18.86
C ASN A 282 -44.49 -29.14 20.07
N MET A 283 -45.08 -30.30 19.88
CA MET A 283 -45.28 -31.27 20.96
C MET A 283 -44.09 -32.21 21.13
N VAL A 284 -43.61 -32.78 20.03
CA VAL A 284 -42.36 -33.55 20.11
C VAL A 284 -41.27 -32.68 20.71
N ALA A 285 -41.26 -31.40 20.37
CA ALA A 285 -40.24 -30.50 20.91
C ALA A 285 -40.35 -30.42 22.43
N GLU A 286 -41.58 -30.22 22.94
CA GLU A 286 -41.79 -30.19 24.38
C GLU A 286 -41.39 -31.49 25.05
N ASP A 287 -41.59 -32.62 24.37
CA ASP A 287 -41.15 -33.90 24.92
C ASP A 287 -39.63 -33.95 25.05
N LEU A 288 -38.93 -33.23 24.18
CA LEU A 288 -37.47 -33.25 24.13
C LEU A 288 -36.87 -31.96 24.65
N ASN A 289 -37.65 -31.18 25.41
CA ASN A 289 -37.23 -29.89 25.95
C ASN A 289 -36.61 -29.01 24.88
N VAL A 290 -37.14 -29.10 23.65
CA VAL A 290 -36.88 -28.15 22.58
C VAL A 290 -38.00 -27.14 22.57
N GLY A 291 -37.67 -25.87 22.34
CA GLY A 291 -38.66 -24.83 22.17
C GLY A 291 -38.83 -24.51 20.70
N LEU A 292 -40.04 -24.10 20.33
CA LEU A 292 -40.33 -23.66 18.98
C LEU A 292 -41.19 -22.41 19.04
N CYS A 293 -41.16 -21.64 17.95
CA CYS A 293 -42.02 -20.47 17.81
C CYS A 293 -42.35 -20.30 16.33
N SER A 294 -43.64 -20.27 16.00
CA SER A 294 -44.03 -20.10 14.62
C SER A 294 -43.81 -18.66 14.17
N ILE A 295 -43.46 -18.50 12.89
CA ILE A 295 -43.21 -17.20 12.29
C ILE A 295 -44.18 -17.01 11.13
N GLY A 296 -45.02 -15.98 11.22
CA GLY A 296 -46.03 -15.75 10.20
C GLY A 296 -45.41 -15.20 8.93
N HIS A 297 -44.60 -14.15 9.04
CA HIS A 297 -43.99 -13.54 7.87
C HIS A 297 -42.51 -13.24 8.10
N MET A 298 -41.81 -13.18 6.97
CA MET A 298 -40.36 -13.15 6.81
C MET A 298 -40.14 -12.96 5.32
N ASN A 299 -38.90 -12.62 4.94
CA ASN A 299 -38.58 -12.46 3.53
C ASN A 299 -38.53 -13.82 2.84
N PHE A 300 -39.72 -14.39 2.60
CA PHE A 300 -39.80 -15.68 1.93
C PHE A 300 -39.35 -15.63 0.48
N GLU A 301 -39.41 -14.46 -0.16
CA GLU A 301 -38.90 -14.32 -1.51
C GLU A 301 -37.42 -14.69 -1.59
N GLU A 302 -36.66 -14.38 -0.56
CA GLU A 302 -35.24 -14.73 -0.55
C GLU A 302 -35.06 -16.20 -0.19
N ILE A 303 -35.71 -16.65 0.88
CA ILE A 303 -35.60 -18.05 1.29
C ILE A 303 -36.00 -18.98 0.15
N GLN A 304 -37.08 -18.63 -0.56
CA GLN A 304 -37.52 -19.43 -1.71
C GLN A 304 -36.40 -19.54 -2.75
N THR A 305 -35.68 -18.43 -2.97
CA THR A 305 -34.57 -18.43 -3.90
C THR A 305 -33.40 -19.28 -3.38
N PHE A 306 -33.08 -19.16 -2.08
CA PHE A 306 -31.98 -19.93 -1.51
C PHE A 306 -32.23 -21.44 -1.64
N LEU A 307 -33.47 -21.87 -1.44
CA LEU A 307 -33.83 -23.28 -1.50
C LEU A 307 -33.98 -23.80 -2.92
N LYS A 308 -33.92 -22.93 -3.93
CA LYS A 308 -33.98 -23.36 -5.32
C LYS A 308 -35.31 -24.05 -5.58
N LEU A 309 -36.37 -23.41 -5.10
CA LEU A 309 -37.72 -23.92 -5.28
C LEU A 309 -38.13 -23.75 -6.73
N GLU A 310 -38.98 -24.66 -7.20
CA GLU A 310 -39.49 -24.57 -8.55
C GLU A 310 -40.82 -23.82 -8.59
N ASP A 311 -41.29 -23.56 -9.81
CA ASP A 311 -42.51 -22.78 -10.01
C ASP A 311 -43.70 -23.35 -9.26
N HIS A 312 -43.69 -24.66 -8.97
CA HIS A 312 -44.82 -25.31 -8.34
C HIS A 312 -44.67 -25.41 -6.83
N GLN A 313 -43.71 -24.69 -6.25
CA GLN A 313 -43.49 -24.71 -4.81
C GLN A 313 -43.51 -23.29 -4.28
N VAL A 314 -44.21 -23.10 -3.17
CA VAL A 314 -44.26 -21.81 -2.47
C VAL A 314 -44.16 -22.08 -0.98
N ILE A 315 -43.53 -21.16 -0.27
CA ILE A 315 -43.35 -21.29 1.17
C ILE A 315 -44.59 -20.77 1.87
N LEU A 316 -45.14 -21.58 2.77
CA LEU A 316 -46.34 -21.23 3.53
C LEU A 316 -46.02 -20.69 4.92
N HIS A 317 -45.01 -21.23 5.58
CA HIS A 317 -44.82 -20.98 7.01
C HIS A 317 -43.38 -21.28 7.39
N ALA A 318 -42.93 -20.64 8.47
CA ALA A 318 -41.59 -20.82 9.00
C ALA A 318 -41.63 -20.96 10.51
N ILE A 319 -40.71 -21.77 11.06
CA ILE A 319 -40.63 -22.02 12.49
C ILE A 319 -39.17 -21.94 12.94
N GLU A 320 -38.92 -21.19 14.02
CA GLU A 320 -37.63 -21.09 14.68
C GLU A 320 -37.59 -22.03 15.88
N GLY A 321 -36.46 -22.72 16.08
CA GLY A 321 -36.37 -23.73 17.11
C GLY A 321 -35.01 -23.77 17.80
N GLY A 322 -35.01 -24.39 18.97
CA GLY A 322 -33.79 -24.56 19.74
C GLY A 322 -34.07 -25.11 21.12
N LEU A 323 -32.98 -25.39 21.83
CA LEU A 323 -33.03 -25.88 23.20
C LEU A 323 -33.51 -24.82 24.18
N LYS A 324 -34.23 -25.26 25.22
CA LYS A 324 -34.75 -24.33 26.22
C LYS A 324 -33.70 -23.99 27.27
N ILE A 325 -33.75 -22.74 27.74
CA ILE A 325 -32.88 -22.26 28.80
C ILE A 325 -33.14 -23.00 30.11
N ASP A 326 -32.06 -23.30 30.83
CA ASP A 326 -32.16 -23.96 32.13
C ASP A 326 -30.81 -23.88 32.86
N GLY A 327 -29.72 -23.92 32.10
CA GLY A 327 -28.39 -23.83 32.68
C GLY A 327 -27.39 -23.35 31.67
N ALA A 328 -26.39 -22.61 32.15
CA ALA A 328 -25.33 -22.11 31.29
C ALA A 328 -24.34 -23.23 30.96
N ALA A 329 -23.29 -22.87 30.23
CA ALA A 329 -22.28 -23.84 29.81
C ALA A 329 -21.00 -23.07 29.45
N ALA A 330 -19.98 -23.83 29.08
CA ALA A 330 -18.77 -23.23 28.55
C ALA A 330 -19.04 -22.65 27.17
N GLU A 331 -18.53 -21.43 26.94
CA GLU A 331 -18.87 -20.68 25.74
C GLU A 331 -18.30 -21.32 24.48
N ASN A 332 -19.06 -22.22 23.88
CA ASN A 332 -18.67 -22.85 22.61
C ASN A 332 -19.86 -23.57 21.98
N SER B 8 48.37 48.43 11.94
CA SER B 8 47.80 48.48 13.28
C SER B 8 46.46 49.20 13.28
N GLU B 9 45.73 49.08 12.18
CA GLU B 9 44.46 49.76 11.97
C GLU B 9 43.43 48.76 11.47
N PRO B 10 42.14 49.06 11.64
CA PRO B 10 41.11 48.14 11.16
C PRO B 10 41.04 48.09 9.65
N PHE B 11 40.61 46.93 9.13
CA PHE B 11 40.47 46.72 7.70
C PHE B 11 39.43 45.63 7.48
N SER B 12 39.12 45.39 6.21
CA SER B 12 37.99 44.54 5.83
C SER B 12 38.35 43.06 5.92
N LEU B 13 37.34 42.23 5.71
CA LEU B 13 37.47 40.78 5.73
C LEU B 13 37.45 40.22 4.31
N THR B 14 38.01 39.02 4.16
CA THR B 14 37.91 38.31 2.89
C THR B 14 36.48 37.81 2.71
N GLU B 15 36.24 37.17 1.56
CA GLU B 15 34.92 36.59 1.33
C GLU B 15 34.63 35.44 2.30
N VAL B 16 35.67 34.69 2.69
CA VAL B 16 35.48 33.60 3.63
C VAL B 16 35.62 34.06 5.08
N GLN B 17 36.46 35.06 5.34
CA GLN B 17 36.44 35.70 6.65
C GLN B 17 35.06 36.28 6.93
N THR B 18 34.41 36.83 5.91
CA THR B 18 33.00 37.20 6.03
C THR B 18 32.15 35.97 6.32
N ALA B 19 32.39 34.88 5.58
CA ALA B 19 31.65 33.65 5.81
C ALA B 19 31.99 33.03 7.16
N TYR B 20 33.24 33.20 7.62
CA TYR B 20 33.61 32.73 8.95
C TYR B 20 32.77 33.40 10.02
N MET B 21 32.64 34.73 9.94
CA MET B 21 31.84 35.46 10.92
C MET B 21 30.35 35.17 10.74
N LEU B 22 29.89 35.05 9.50
CA LEU B 22 28.51 34.66 9.26
C LEU B 22 28.21 33.29 9.82
N GLY B 23 29.21 32.40 9.86
CA GLY B 23 29.06 31.07 10.42
C GLY B 23 28.90 31.03 11.93
N ARG B 24 28.97 32.19 12.60
CA ARG B 24 28.75 32.26 14.04
C ARG B 24 27.30 32.60 14.38
N ASN B 25 26.39 32.55 13.39
CA ASN B 25 24.99 32.85 13.59
C ASN B 25 24.21 31.55 13.72
N PRO B 26 23.68 31.22 14.91
CA PRO B 26 22.98 29.93 15.08
C PRO B 26 21.64 29.84 14.36
N GLN B 27 21.18 30.92 13.71
CA GLN B 27 19.90 30.85 13.00
C GLN B 27 20.00 29.95 11.77
N PHE B 28 21.19 29.82 11.19
CA PHE B 28 21.40 28.96 10.04
C PHE B 28 21.74 27.55 10.50
N GLU B 29 21.43 26.57 9.67
CA GLU B 29 21.67 25.18 10.03
C GLU B 29 23.17 24.91 10.14
N LEU B 30 23.55 24.20 11.21
CA LEU B 30 24.94 23.82 11.46
C LEU B 30 25.84 25.05 11.57
N SER B 31 25.30 26.13 12.13
CA SER B 31 26.05 27.35 12.33
C SER B 31 25.93 27.78 13.79
N GLY B 32 26.57 28.89 14.13
CA GLY B 32 26.61 29.37 15.49
C GLY B 32 27.88 29.07 16.24
N ILE B 33 28.96 28.70 15.55
CA ILE B 33 30.25 28.43 16.16
C ILE B 33 31.32 29.21 15.41
N SER B 34 32.43 29.45 16.10
CA SER B 34 33.53 30.01 15.33
C SER B 34 34.40 28.88 14.78
N PRO B 35 34.87 29.00 13.55
CA PRO B 35 35.79 27.99 13.01
C PRO B 35 37.10 28.01 13.80
N GLN B 36 37.48 26.84 14.30
CA GLN B 36 38.64 26.73 15.18
C GLN B 36 39.48 25.52 14.80
N THR B 37 40.79 25.66 14.98
CA THR B 37 41.76 24.62 14.70
C THR B 37 42.48 24.23 15.98
N TYR B 38 42.64 22.92 16.21
CA TYR B 38 43.18 22.39 17.46
C TYR B 38 44.25 21.35 17.15
N PHE B 39 45.36 21.43 17.87
CA PHE B 39 46.45 20.47 17.72
C PHE B 39 47.16 20.30 19.05
N GLU B 40 47.52 19.06 19.37
CA GLU B 40 48.16 18.72 20.64
C GLU B 40 49.37 17.84 20.36
N TYR B 41 50.50 18.18 20.99
CA TYR B 41 51.76 17.49 20.77
C TYR B 41 52.46 17.18 22.08
N GLU B 42 53.20 16.07 22.09
CA GLU B 42 54.01 15.67 23.24
C GLU B 42 55.47 15.99 22.94
N THR B 43 56.05 16.91 23.70
CA THR B 43 57.34 17.48 23.37
C THR B 43 58.37 17.21 24.47
N GLU B 44 59.64 17.28 24.09
CA GLU B 44 60.76 17.25 25.01
C GLU B 44 61.35 18.63 25.26
N LEU B 45 60.76 19.67 24.70
CA LEU B 45 61.34 21.01 24.72
C LEU B 45 60.95 21.76 25.98
N ASP B 46 61.68 22.84 26.24
CA ASP B 46 61.42 23.69 27.39
C ASP B 46 60.23 24.59 27.12
N ILE B 47 59.25 24.58 28.03
CA ILE B 47 58.07 25.43 27.87
C ILE B 47 58.44 26.90 28.07
N ALA B 48 59.35 27.17 29.00
CA ALA B 48 59.76 28.55 29.25
C ALA B 48 60.48 29.15 28.04
N ARG B 49 61.34 28.36 27.39
CA ARG B 49 62.00 28.85 26.18
C ARG B 49 61.02 29.01 25.03
N LEU B 50 60.05 28.09 24.91
CA LEU B 50 59.01 28.24 23.90
C LEU B 50 58.11 29.43 24.21
N SER B 51 57.92 29.75 25.50
CA SER B 51 57.10 30.89 25.86
C SER B 51 57.79 32.22 25.54
N ARG B 52 59.11 32.26 25.67
CA ARG B 52 59.85 33.47 25.32
C ARG B 52 60.02 33.62 23.81
N SER B 53 60.26 32.50 23.12
CA SER B 53 60.26 32.54 21.66
C SER B 53 58.90 32.89 21.10
N PHE B 54 57.83 32.67 21.87
CA PHE B 54 56.49 33.06 21.43
C PHE B 54 56.29 34.57 21.53
N GLN B 55 56.87 35.19 22.56
CA GLN B 55 56.81 36.65 22.64
C GLN B 55 57.55 37.30 21.48
N LYS B 56 58.54 36.62 20.93
CA LYS B 56 59.26 37.15 19.78
C LYS B 56 58.42 37.06 18.51
N VAL B 57 57.71 35.95 18.31
CA VAL B 57 56.90 35.79 17.12
C VAL B 57 55.64 36.65 17.18
N ILE B 58 55.19 37.02 18.39
CA ILE B 58 54.02 37.89 18.50
C ILE B 58 54.36 39.30 18.03
N GLN B 59 55.52 39.81 18.45
CA GLN B 59 55.97 41.13 18.00
C GLN B 59 56.48 41.10 16.56
N ARG B 60 56.95 39.95 16.08
CA ARG B 60 57.47 39.88 14.72
C ARG B 60 56.36 39.97 13.68
N HIS B 61 55.32 39.17 13.83
CA HIS B 61 54.21 39.16 12.89
C HIS B 61 53.06 39.99 13.46
N PRO B 62 52.75 41.15 12.88
CA PRO B 62 51.69 42.00 13.46
C PRO B 62 50.32 41.35 13.47
N MET B 63 50.03 40.47 12.51
CA MET B 63 48.70 39.86 12.46
C MET B 63 48.43 38.98 13.68
N LEU B 64 49.49 38.45 14.30
CA LEU B 64 49.31 37.70 15.54
C LEU B 64 48.85 38.59 16.69
N ARG B 65 48.95 39.91 16.55
CA ARG B 65 48.47 40.86 17.54
C ARG B 65 47.11 41.45 17.16
N ALA B 66 46.32 40.74 16.37
CA ALA B 66 45.09 41.27 15.82
C ALA B 66 43.87 40.64 16.48
N VAL B 67 42.74 41.34 16.36
CA VAL B 67 41.45 40.86 16.83
C VAL B 67 40.44 41.04 15.71
N ILE B 68 39.31 40.34 15.83
CA ILE B 68 38.22 40.43 14.87
C ILE B 68 37.11 41.30 15.46
N LEU B 69 36.66 42.30 14.70
CA LEU B 69 35.73 43.32 15.17
C LEU B 69 34.30 42.96 14.77
N PRO B 70 33.32 43.34 15.59
CA PRO B 70 31.92 43.08 15.24
C PRO B 70 31.38 43.96 14.12
N GLU B 71 32.17 44.91 13.61
CA GLU B 71 31.76 45.76 12.51
C GLU B 71 31.93 45.11 11.16
N GLY B 72 32.20 43.81 11.11
CA GLY B 72 32.60 43.18 9.87
C GLY B 72 34.02 43.49 9.46
N LYS B 73 34.85 43.96 10.40
CA LYS B 73 36.22 44.36 10.15
C LYS B 73 37.15 43.57 11.05
N GLN B 74 38.46 43.76 10.84
CA GLN B 74 39.49 43.16 11.66
C GLN B 74 40.62 44.17 11.81
N GLN B 75 41.22 44.22 13.01
CA GLN B 75 42.22 45.23 13.32
C GLN B 75 43.42 44.59 13.99
N ILE B 76 44.61 44.96 13.52
CA ILE B 76 45.85 44.65 14.23
C ILE B 76 46.01 45.65 15.36
N LEU B 77 46.33 45.16 16.55
CA LEU B 77 46.51 46.05 17.69
C LEU B 77 47.88 46.71 17.66
N ARG B 78 47.96 47.91 18.25
CA ARG B 78 49.23 48.61 18.30
C ARG B 78 50.21 47.91 19.24
N ASP B 79 49.71 47.33 20.33
CA ASP B 79 50.50 46.45 21.17
C ASP B 79 49.53 45.59 21.96
N VAL B 80 50.06 44.52 22.56
CA VAL B 80 49.22 43.53 23.23
C VAL B 80 49.79 43.27 24.62
N PRO B 81 48.97 42.76 25.54
CA PRO B 81 49.50 42.27 26.81
C PRO B 81 50.44 41.10 26.58
N GLU B 82 51.40 40.95 27.49
CA GLU B 82 52.39 39.89 27.37
C GLU B 82 51.74 38.52 27.53
N TYR B 83 52.11 37.60 26.66
CA TYR B 83 51.60 36.24 26.71
C TYR B 83 52.62 35.31 27.35
N GLU B 84 52.11 34.30 28.06
CA GLU B 84 52.95 33.32 28.73
C GLU B 84 52.23 31.98 28.73
N ILE B 85 52.97 30.92 28.40
CA ILE B 85 52.40 29.58 28.34
C ILE B 85 52.37 29.00 29.74
N GLU B 86 51.17 28.64 30.21
CA GLU B 86 50.99 28.04 31.53
C GLU B 86 51.05 26.53 31.41
N VAL B 87 51.82 25.90 32.30
CA VAL B 87 52.02 24.46 32.31
C VAL B 87 51.45 23.89 33.60
N GLU B 88 50.63 22.84 33.47
CA GLU B 88 50.01 22.17 34.61
C GLU B 88 50.78 20.88 34.91
N SER B 89 51.13 20.68 36.17
CA SER B 89 51.97 19.56 36.57
C SER B 89 51.11 18.34 36.85
N LEU B 90 51.20 17.33 35.98
CA LEU B 90 50.60 16.02 36.21
C LEU B 90 51.64 14.99 36.63
N VAL B 91 52.78 15.44 37.13
CA VAL B 91 53.92 14.54 37.31
C VAL B 91 53.64 13.49 38.38
N SER B 92 53.00 13.89 39.47
CA SER B 92 52.77 13.00 40.60
C SER B 92 51.41 12.33 40.60
N MET B 93 50.68 12.40 39.48
CA MET B 93 49.33 11.86 39.49
C MET B 93 49.31 10.44 38.95
N PRO B 94 48.43 9.59 39.48
CA PRO B 94 48.21 8.27 38.88
C PRO B 94 47.78 8.41 37.43
N PRO B 95 48.02 7.37 36.61
CA PRO B 95 47.66 7.47 35.18
C PRO B 95 46.19 7.72 34.94
N GLU B 96 45.32 7.41 35.91
CA GLU B 96 43.91 7.72 35.77
C GLU B 96 43.63 9.21 36.01
N LYS B 97 44.37 9.84 36.92
CA LYS B 97 44.14 11.24 37.22
C LYS B 97 44.76 12.17 36.19
N GLN B 98 45.90 11.78 35.61
CA GLN B 98 46.52 12.62 34.57
C GLN B 98 45.73 12.58 33.27
N ALA B 99 45.06 11.45 33.00
CA ALA B 99 44.23 11.37 31.80
C ALA B 99 42.95 12.15 31.96
N ALA B 100 42.46 12.31 33.19
CA ALA B 100 41.25 13.09 33.41
C ALA B 100 41.52 14.58 33.19
N ARG B 101 42.67 15.07 33.65
CA ARG B 101 43.00 16.48 33.44
C ARG B 101 43.26 16.78 31.97
N LEU B 102 43.85 15.84 31.25
CA LEU B 102 44.16 16.07 29.83
C LEU B 102 42.90 16.09 28.98
N ARG B 103 41.95 15.19 29.27
CA ARG B 103 40.73 15.14 28.48
C ARG B 103 39.80 16.31 28.80
N GLU B 104 39.83 16.81 30.04
CA GLU B 104 39.02 17.96 30.39
C GLU B 104 39.50 19.23 29.68
N GLU B 105 40.82 19.41 29.61
CA GLU B 105 41.36 20.59 28.93
C GLU B 105 41.09 20.54 27.44
N ARG B 106 41.08 19.33 26.85
CA ARG B 106 40.71 19.21 25.44
C ARG B 106 39.32 19.78 25.20
N SER B 107 38.35 19.39 26.03
CA SER B 107 37.00 19.90 25.91
C SER B 107 36.95 21.41 26.17
N ARG B 108 37.67 21.87 27.20
CA ARG B 108 37.66 23.29 27.52
C ARG B 108 38.24 24.14 26.40
N MET B 109 39.23 23.60 25.67
CA MET B 109 39.85 24.38 24.60
C MET B 109 39.04 24.34 23.31
N ILE B 110 38.53 23.17 22.93
CA ILE B 110 37.79 23.08 21.67
C ILE B 110 36.42 23.74 21.79
N ASP B 111 35.82 23.70 22.98
CA ASP B 111 34.50 24.31 23.16
C ASP B 111 34.59 25.82 23.29
N HIS B 112 35.72 26.33 23.77
CA HIS B 112 35.87 27.77 23.96
C HIS B 112 35.87 28.51 22.64
N VAL B 113 35.25 29.69 22.63
CA VAL B 113 35.19 30.55 21.45
C VAL B 113 35.70 31.92 21.84
N PHE B 114 36.59 32.48 21.03
CA PHE B 114 37.16 33.79 21.33
C PHE B 114 36.15 34.89 20.99
N PRO B 115 35.87 35.81 21.92
CA PRO B 115 34.93 36.90 21.62
C PRO B 115 35.51 37.84 20.58
N LEU B 116 34.59 38.52 19.88
CA LEU B 116 34.97 39.50 18.81
C LEU B 116 35.41 40.81 19.46
N GLY B 117 36.64 41.24 19.20
CA GLY B 117 37.17 42.50 19.77
C GLY B 117 37.53 42.34 21.23
N GLN B 118 37.73 41.10 21.68
CA GLN B 118 38.09 40.82 23.09
C GLN B 118 39.60 41.03 23.29
N TRP B 119 40.37 39.94 23.28
CA TRP B 119 41.85 40.02 23.46
C TRP B 119 42.55 39.15 22.42
N PRO B 120 43.25 38.05 22.81
CA PRO B 120 43.95 37.18 21.86
C PRO B 120 42.98 36.22 21.16
N LEU B 121 43.28 35.88 19.89
CA LEU B 121 42.48 34.96 19.11
C LEU B 121 43.03 33.55 19.14
N PHE B 122 43.95 33.26 20.05
CA PHE B 122 44.63 31.98 20.13
C PHE B 122 44.78 31.60 21.60
N GLU B 123 45.34 30.41 21.84
CA GLU B 123 45.64 29.98 23.20
C GLU B 123 46.67 28.87 23.16
N LEU B 124 47.64 28.94 24.07
CA LEU B 124 48.65 27.90 24.25
C LEU B 124 48.67 27.51 25.71
N LYS B 125 48.44 26.24 25.99
CA LYS B 125 48.52 25.70 27.34
C LYS B 125 49.30 24.40 27.31
N ALA B 126 49.92 24.07 28.43
CA ALA B 126 50.80 22.91 28.50
C ALA B 126 50.49 22.10 29.75
N PHE B 127 50.83 20.81 29.69
CA PHE B 127 50.81 19.92 30.83
C PHE B 127 52.22 19.39 31.06
N GLN B 128 52.52 19.10 32.33
CA GLN B 128 53.81 18.51 32.70
C GLN B 128 53.56 17.04 33.01
N LEU B 129 53.58 16.21 31.96
CA LEU B 129 53.46 14.77 32.13
C LEU B 129 54.58 14.23 33.01
N GLN B 130 55.82 14.42 32.57
CA GLN B 130 57.00 14.15 33.37
C GLN B 130 57.74 15.46 33.58
N GLU B 131 58.70 15.46 34.50
CA GLU B 131 59.43 16.68 34.83
C GLU B 131 60.11 17.30 33.62
N HIS B 132 60.41 16.51 32.60
CA HIS B 132 61.00 17.03 31.36
C HIS B 132 60.23 16.56 30.12
N THR B 133 58.95 16.22 30.28
CA THR B 133 58.08 15.83 29.18
C THR B 133 56.78 16.62 29.28
N TYR B 134 56.39 17.27 28.20
CA TYR B 134 55.26 18.20 28.21
C TYR B 134 54.27 17.86 27.11
N LEU B 135 53.01 18.22 27.34
CA LEU B 135 51.95 18.17 26.34
C LEU B 135 51.64 19.61 25.94
N LEU B 136 52.24 20.07 24.85
CA LEU B 136 52.01 21.42 24.36
C LEU B 136 50.86 21.41 23.37
N CYS B 137 49.90 22.32 23.55
CA CYS B 137 48.72 22.40 22.71
C CYS B 137 48.51 23.83 22.26
N PHE B 138 48.09 23.99 21.00
CA PHE B 138 47.88 25.31 20.40
C PHE B 138 46.59 25.30 19.61
N ARG B 139 45.72 26.27 19.90
CA ARG B 139 44.48 26.45 19.17
C ARG B 139 44.36 27.91 18.75
N TYR B 140 43.56 28.14 17.70
CA TYR B 140 43.39 29.49 17.18
C TYR B 140 42.10 29.54 16.35
N ASP B 141 41.41 30.67 16.44
CA ASP B 141 40.24 30.91 15.61
C ASP B 141 40.68 31.05 14.16
N ALA B 142 39.89 30.47 13.24
CA ALA B 142 40.27 30.48 11.84
C ALA B 142 40.27 31.87 11.24
N LEU B 143 39.56 32.82 11.87
CA LEU B 143 39.62 34.21 11.41
C LEU B 143 41.00 34.82 11.59
N LEU B 144 41.85 34.22 12.42
CA LEU B 144 43.17 34.77 12.69
C LEU B 144 44.13 34.51 11.53
N MET B 145 44.32 33.26 11.16
CA MET B 145 45.33 32.90 10.17
C MET B 145 44.96 31.57 9.53
N ASP B 146 45.81 31.15 8.59
CA ASP B 146 45.64 29.94 7.80
C ASP B 146 46.64 28.88 8.25
N GLY B 147 46.46 27.66 7.73
CA GLY B 147 47.38 26.58 8.06
C GLY B 147 48.81 26.86 7.64
N ALA B 148 48.97 27.54 6.50
CA ALA B 148 50.31 27.94 6.08
C ALA B 148 50.92 28.95 7.06
N SER B 149 50.08 29.72 7.75
CA SER B 149 50.58 30.66 8.74
C SER B 149 50.87 29.99 10.07
N MET B 150 50.06 29.00 10.45
CA MET B 150 50.31 28.29 11.72
C MET B 150 51.62 27.54 11.68
N ASN B 151 52.06 27.11 10.50
CA ASN B 151 53.38 26.48 10.37
C ASN B 151 54.48 27.52 10.28
N LEU B 152 54.20 28.67 9.65
CA LEU B 152 55.18 29.75 9.62
C LEU B 152 55.45 30.27 11.03
N VAL B 153 54.42 30.33 11.86
CA VAL B 153 54.62 30.69 13.27
C VAL B 153 55.52 29.68 13.94
N GLY B 154 55.26 28.39 13.71
CA GLY B 154 56.10 27.35 14.30
C GLY B 154 57.53 27.39 13.81
N GLN B 155 57.74 27.84 12.56
CA GLN B 155 59.10 27.97 12.05
C GLN B 155 59.87 29.07 12.78
N ASP B 156 59.22 30.21 13.01
CA ASP B 156 59.85 31.27 13.78
C ASP B 156 59.90 30.95 15.27
N LEU B 157 59.01 30.08 15.75
CA LEU B 157 59.07 29.66 17.15
C LEU B 157 60.33 28.83 17.41
N MET B 158 60.57 27.82 16.58
CA MET B 158 61.73 26.95 16.78
C MET B 158 63.05 27.65 16.47
N HIS B 159 63.02 28.70 15.65
CA HIS B 159 64.24 29.47 15.40
C HIS B 159 64.66 30.22 16.65
N TYR B 160 63.71 30.89 17.31
CA TYR B 160 64.01 31.61 18.55
C TYR B 160 64.07 30.69 19.76
N TYR B 161 63.59 29.45 19.66
CA TYR B 161 63.80 28.49 20.74
C TYR B 161 65.28 28.10 20.83
N HIS B 162 65.87 27.71 19.70
CA HIS B 162 67.28 27.36 19.67
C HIS B 162 68.17 28.60 19.68
N GLN B 163 67.72 29.69 19.07
CA GLN B 163 68.49 30.93 18.96
C GLN B 163 67.60 32.11 19.32
N PRO B 164 67.43 32.42 20.61
CA PRO B 164 66.58 33.55 20.99
C PRO B 164 67.12 34.90 20.55
N ASP B 165 68.42 35.01 20.26
CA ASP B 165 69.02 36.28 19.90
C ASP B 165 69.35 36.41 18.42
N ALA B 166 69.19 35.35 17.64
CA ALA B 166 69.40 35.42 16.19
C ALA B 166 68.21 36.17 15.58
N GLN B 167 68.28 37.50 15.64
CA GLN B 167 67.19 38.34 15.19
C GLN B 167 66.95 38.16 13.70
N LEU B 168 65.71 37.89 13.33
CA LEU B 168 65.33 37.69 11.94
C LEU B 168 65.08 39.02 11.25
N PRO B 169 65.22 39.07 9.93
CA PRO B 169 64.94 40.31 9.22
C PRO B 169 63.48 40.68 9.36
N PRO B 170 63.17 41.98 9.38
CA PRO B 170 61.78 42.40 9.57
C PRO B 170 60.95 42.19 8.32
N LEU B 171 59.63 42.26 8.51
CA LEU B 171 58.67 42.10 7.42
C LEU B 171 58.36 43.46 6.81
N SER B 172 58.26 43.49 5.48
CA SER B 172 57.92 44.69 4.74
C SER B 172 56.51 44.66 4.18
N PHE B 173 55.69 43.72 4.66
CA PHE B 173 54.36 43.48 4.10
C PHE B 173 53.56 42.64 5.07
N THR B 174 52.35 43.08 5.43
CA THR B 174 51.54 42.39 6.42
C THR B 174 50.17 42.09 5.83
N PHE B 175 49.32 41.46 6.65
CA PHE B 175 47.99 41.05 6.19
C PHE B 175 47.07 42.22 5.91
N GLN B 176 47.31 43.38 6.53
CA GLN B 176 46.47 44.54 6.27
C GLN B 176 46.69 45.06 4.86
N ASP B 177 47.94 45.05 4.40
CA ASP B 177 48.23 45.49 3.03
C ASP B 177 47.62 44.55 1.99
N TYR B 178 47.53 43.26 2.32
CA TYR B 178 46.91 42.30 1.41
C TYR B 178 45.42 42.53 1.27
N MET B 179 44.77 43.00 2.34
CA MET B 179 43.33 43.26 2.27
C MET B 179 43.03 44.55 1.51
N HIS B 180 43.93 45.54 1.56
CA HIS B 180 43.74 46.74 0.75
C HIS B 180 43.84 46.40 -0.73
N ILE B 181 44.73 45.47 -1.09
CA ILE B 181 44.78 44.98 -2.46
C ILE B 181 43.60 44.06 -2.74
N TYR B 182 43.13 43.34 -1.72
CA TYR B 182 42.02 42.41 -1.90
C TYR B 182 40.78 43.11 -2.43
N ASP B 183 40.42 44.25 -1.82
CA ASP B 183 39.24 44.97 -2.26
C ASP B 183 39.47 45.65 -3.62
N ASP B 184 40.68 46.12 -3.89
CA ASP B 184 40.96 46.70 -5.19
C ASP B 184 41.05 45.64 -6.28
N MET B 185 41.39 44.40 -5.91
CA MET B 185 41.45 43.33 -6.90
C MET B 185 40.07 42.93 -7.37
N LYS B 186 39.05 43.05 -6.52
CA LYS B 186 37.69 42.65 -6.85
C LYS B 186 36.99 43.80 -7.53
N ARG B 187 37.05 43.82 -8.87
CA ARG B 187 36.39 44.86 -9.66
C ARG B 187 35.74 44.26 -10.90
N GLY B 188 36.19 44.66 -12.07
CA GLY B 188 35.62 44.16 -13.31
C GLY B 188 36.63 43.46 -14.20
N THR B 189 36.42 43.54 -15.52
CA THR B 189 37.29 42.93 -16.52
C THR B 189 37.41 41.42 -16.31
N GLU B 190 38.53 40.98 -15.74
CA GLU B 190 38.71 39.54 -15.51
C GLU B 190 37.63 38.99 -14.59
N TYR B 191 37.10 39.82 -13.69
CA TYR B 191 35.96 39.41 -12.87
C TYR B 191 34.73 39.16 -13.72
N GLU B 192 34.44 40.07 -14.66
CA GLU B 192 33.28 39.88 -15.54
C GLU B 192 33.48 38.68 -16.46
N THR B 193 34.70 38.47 -16.93
CA THR B 193 34.98 37.28 -17.73
C THR B 193 34.81 36.01 -16.90
N ALA B 194 35.29 36.04 -15.65
CA ALA B 194 35.10 34.90 -14.76
C ALA B 194 33.62 34.65 -14.48
N LYS B 195 32.86 35.71 -14.24
CA LYS B 195 31.42 35.56 -14.02
C LYS B 195 30.74 34.97 -15.24
N ALA B 196 31.17 35.39 -16.44
CA ALA B 196 30.59 34.83 -17.65
C ALA B 196 30.85 33.33 -17.75
N TYR B 197 32.04 32.89 -17.34
CA TYR B 197 32.34 31.46 -17.34
C TYR B 197 31.45 30.70 -16.37
N TRP B 198 31.32 31.20 -15.14
CA TRP B 198 30.55 30.49 -14.13
C TRP B 198 29.07 30.49 -14.47
N THR B 199 28.54 31.60 -15.02
CA THR B 199 27.14 31.66 -15.38
C THR B 199 26.82 30.79 -16.60
N ASN B 200 27.81 30.49 -17.43
CA ASN B 200 27.57 29.59 -18.56
C ASN B 200 27.50 28.13 -18.13
N LYS B 201 28.22 27.77 -17.08
CA LYS B 201 28.18 26.41 -16.55
C LYS B 201 27.03 26.18 -15.57
N LEU B 202 26.47 27.25 -15.02
CA LEU B 202 25.43 27.10 -14.01
C LEU B 202 24.18 26.37 -14.47
N PRO B 203 23.61 26.62 -15.69
CA PRO B 203 22.34 25.99 -16.05
C PRO B 203 22.32 24.47 -15.93
N ASP B 204 23.49 23.83 -15.96
CA ASP B 204 23.57 22.38 -15.82
C ASP B 204 24.63 21.99 -14.78
N PHE B 205 24.87 22.85 -13.80
CA PHE B 205 25.80 22.53 -12.73
C PHE B 205 25.18 21.48 -11.81
N PRO B 206 25.89 20.39 -11.51
CA PRO B 206 25.30 19.32 -10.71
C PRO B 206 25.13 19.75 -9.27
N PRO B 207 24.22 19.12 -8.52
CA PRO B 207 24.07 19.44 -7.11
C PRO B 207 25.12 18.72 -6.27
N ALA B 208 25.25 19.19 -5.03
CA ALA B 208 26.09 18.47 -4.07
C ALA B 208 25.52 17.08 -3.85
N PRO B 209 26.37 16.06 -3.64
CA PRO B 209 25.86 14.70 -3.53
C PRO B 209 24.92 14.54 -2.33
N SER B 210 23.74 14.00 -2.58
CA SER B 210 22.76 13.75 -1.53
C SER B 210 23.26 12.65 -0.61
N LEU B 211 24.25 12.97 0.22
CA LEU B 211 24.88 11.98 1.07
C LEU B 211 23.92 11.50 2.14
N LEU B 212 24.14 10.27 2.62
CA LEU B 212 23.30 9.71 3.67
C LEU B 212 23.45 10.51 4.96
N LEU B 213 22.31 10.88 5.55
CA LEU B 213 22.30 11.63 6.80
C LEU B 213 21.42 10.88 7.80
N ALA B 214 21.79 11.00 9.08
CA ALA B 214 21.00 10.39 10.14
C ALA B 214 19.87 11.28 10.61
N LYS B 215 20.02 12.61 10.50
CA LYS B 215 18.98 13.55 10.92
C LYS B 215 18.92 14.71 9.93
N ASP B 216 17.81 15.43 9.98
CA ASP B 216 17.65 16.62 9.17
C ASP B 216 18.47 17.76 9.77
N PRO B 217 19.32 18.43 8.99
CA PRO B 217 20.08 19.57 9.55
C PRO B 217 19.22 20.70 10.07
N ALA B 218 17.94 20.77 9.67
CA ALA B 218 17.09 21.87 10.11
C ALA B 218 16.79 21.80 11.60
N GLU B 219 16.82 20.61 12.19
CA GLU B 219 16.53 20.43 13.60
C GLU B 219 17.79 20.34 14.45
N ILE B 220 18.94 20.74 13.92
CA ILE B 220 20.21 20.60 14.60
C ILE B 220 20.64 21.90 15.28
N GLY B 221 20.63 23.00 14.53
CA GLY B 221 21.08 24.27 15.07
C GLY B 221 22.59 24.33 15.24
N THR B 222 23.03 24.43 16.48
CA THR B 222 24.47 24.48 16.76
C THR B 222 25.08 23.10 16.57
N PRO B 223 26.09 22.95 15.71
CA PRO B 223 26.69 21.63 15.48
C PRO B 223 27.73 21.30 16.54
N ASN B 224 27.95 20.00 16.70
CA ASN B 224 29.01 19.47 17.57
C ASN B 224 29.88 18.54 16.74
N PHE B 225 31.18 18.79 16.75
CA PHE B 225 32.10 18.23 15.78
C PHE B 225 32.95 17.11 16.36
N GLN B 226 33.18 16.10 15.55
CA GLN B 226 34.14 15.03 15.79
C GLN B 226 34.95 14.82 14.52
N SER B 227 36.03 14.04 14.61
CA SER B 227 36.91 13.89 13.47
C SER B 227 37.52 12.50 13.45
N LEU B 228 37.90 12.07 12.23
CA LEU B 228 38.64 10.84 12.00
C LEU B 228 39.92 11.19 11.27
N THR B 229 41.06 10.78 11.83
CA THR B 229 42.37 11.16 11.29
C THR B 229 43.21 9.92 11.03
N THR B 230 43.90 9.92 9.90
CA THR B 230 44.84 8.87 9.54
C THR B 230 46.10 9.50 8.95
N ILE B 231 47.25 9.16 9.52
CA ILE B 231 48.54 9.62 9.03
C ILE B 231 49.13 8.55 8.14
N ILE B 232 49.31 8.87 6.86
CA ILE B 232 49.76 7.91 5.86
C ILE B 232 51.27 7.88 5.83
N THR B 233 51.82 6.66 5.75
CA THR B 233 53.28 6.49 5.71
C THR B 233 53.86 7.21 4.49
N LYS B 234 55.05 7.79 4.69
CA LYS B 234 55.69 8.57 3.63
C LYS B 234 55.92 7.74 2.37
N ASP B 235 56.14 6.42 2.52
CA ASP B 235 56.37 5.59 1.36
C ASP B 235 55.12 5.47 0.50
N LYS B 236 53.93 5.49 1.11
CA LYS B 236 52.70 5.48 0.32
C LYS B 236 52.46 6.83 -0.33
N TRP B 237 52.78 7.92 0.38
CA TRP B 237 52.56 9.26 -0.18
C TRP B 237 53.50 9.55 -1.33
N LEU B 238 54.72 9.00 -1.28
CA LEU B 238 55.63 9.17 -2.42
C LEU B 238 55.14 8.40 -3.63
N LYS B 239 54.71 7.15 -3.43
CA LYS B 239 54.21 6.36 -4.55
C LYS B 239 52.94 6.96 -5.14
N LEU B 240 52.10 7.55 -4.29
CA LEU B 240 50.90 8.22 -4.79
C LEU B 240 51.26 9.49 -5.57
N ARG B 241 52.28 10.21 -5.12
CA ARG B 241 52.77 11.36 -5.87
C ARG B 241 53.37 10.94 -7.20
N ARG B 242 54.12 9.82 -7.21
CA ARG B 242 54.66 9.31 -8.46
C ARG B 242 53.55 8.85 -9.38
N LEU B 243 52.47 8.30 -8.82
CA LEU B 243 51.32 7.92 -9.64
C LEU B 243 50.67 9.15 -10.27
N ALA B 244 50.60 10.25 -9.51
CA ALA B 244 50.08 11.49 -10.07
C ALA B 244 50.97 12.02 -11.17
N GLN B 245 52.28 11.81 -11.06
CA GLN B 245 53.20 12.26 -12.10
C GLN B 245 53.12 11.37 -13.34
N ASP B 246 52.88 10.06 -13.15
CA ASP B 246 52.78 9.17 -14.29
C ASP B 246 51.54 9.44 -15.13
N LYS B 247 50.46 9.90 -14.50
CA LYS B 247 49.21 10.19 -15.19
C LYS B 247 49.09 11.64 -15.62
N GLN B 248 50.15 12.44 -15.43
CA GLN B 248 50.16 13.86 -15.81
C GLN B 248 49.04 14.64 -15.13
N VAL B 249 48.85 14.40 -13.83
CA VAL B 249 47.79 15.04 -13.08
C VAL B 249 48.35 15.54 -11.76
N THR B 250 47.64 16.48 -11.16
CA THR B 250 47.96 16.92 -9.81
C THR B 250 47.39 15.92 -8.80
N PRO B 251 48.10 15.67 -7.69
CA PRO B 251 47.56 14.76 -6.68
C PRO B 251 46.26 15.25 -6.06
N SER B 252 45.98 16.54 -6.11
CA SER B 252 44.70 17.05 -5.62
C SER B 252 43.55 16.54 -6.48
N ALA B 253 43.77 16.34 -7.78
CA ALA B 253 42.74 15.78 -8.62
C ALA B 253 42.52 14.29 -8.33
N LEU B 254 43.57 13.58 -7.92
CA LEU B 254 43.40 12.21 -7.45
C LEU B 254 42.57 12.16 -6.19
N LEU B 255 42.86 13.05 -5.23
CA LEU B 255 42.17 13.02 -3.95
C LEU B 255 40.72 13.45 -4.08
N CYS B 256 40.46 14.48 -4.89
CA CYS B 256 39.08 14.92 -5.10
C CYS B 256 38.25 13.86 -5.82
N THR B 257 38.89 13.06 -6.68
CA THR B 257 38.17 11.99 -7.36
C THR B 257 37.89 10.83 -6.41
N VAL B 258 38.89 10.41 -5.63
CA VAL B 258 38.67 9.40 -4.60
C VAL B 258 37.60 9.88 -3.62
N TYR B 259 37.65 11.16 -3.25
CA TYR B 259 36.59 11.74 -2.42
C TYR B 259 35.23 11.61 -3.11
N GLY B 260 35.19 11.89 -4.41
CA GLY B 260 33.93 11.78 -5.13
C GLY B 260 33.48 10.35 -5.35
N GLU B 261 34.43 9.41 -5.46
CA GLU B 261 34.06 8.01 -5.61
C GLU B 261 33.29 7.50 -4.40
N VAL B 262 33.73 7.88 -3.20
CA VAL B 262 33.03 7.47 -1.98
C VAL B 262 31.68 8.17 -1.89
N LEU B 263 31.63 9.46 -2.24
CA LEU B 263 30.39 10.21 -2.12
C LEU B 263 29.34 9.73 -3.12
N ALA B 264 29.74 9.49 -4.37
CA ALA B 264 28.81 8.98 -5.37
C ALA B 264 28.25 7.62 -4.94
N PHE B 265 29.09 6.80 -4.31
CA PHE B 265 28.65 5.50 -3.85
C PHE B 265 27.59 5.61 -2.76
N TRP B 266 27.80 6.51 -1.79
CA TRP B 266 26.90 6.65 -0.66
C TRP B 266 25.73 7.58 -0.93
N SER B 267 25.83 8.44 -1.94
CA SER B 267 24.74 9.35 -2.27
C SER B 267 23.90 8.88 -3.44
N ASN B 268 24.29 7.79 -4.11
CA ASN B 268 23.58 7.26 -5.26
C ASN B 268 23.41 8.33 -6.34
N GLN B 269 24.53 8.97 -6.66
CA GLN B 269 24.56 10.05 -7.65
C GLN B 269 25.33 9.62 -8.88
N ARG B 270 24.93 10.18 -10.02
CA ARG B 270 25.71 10.07 -11.26
C ARG B 270 26.59 11.27 -11.50
N ARG B 271 26.18 12.45 -11.02
CA ARG B 271 26.98 13.66 -11.06
C ARG B 271 26.84 14.37 -9.72
N LEU B 272 27.96 14.82 -9.17
CA LEU B 272 27.97 15.48 -7.88
C LEU B 272 28.84 16.72 -7.94
N ALA B 273 28.61 17.64 -7.02
CA ALA B 273 29.37 18.88 -6.91
C ALA B 273 30.12 18.91 -5.60
N ILE B 274 31.42 19.17 -5.66
CA ILE B 274 32.27 19.25 -4.48
C ILE B 274 32.62 20.71 -4.25
N ASN B 275 32.80 21.06 -2.98
CA ASN B 275 33.21 22.41 -2.57
C ASN B 275 34.68 22.34 -2.16
N LEU B 276 35.57 22.74 -3.06
CA LEU B 276 37.00 22.71 -2.79
C LEU B 276 37.44 23.99 -2.10
N THR B 277 38.27 23.85 -1.07
CA THR B 277 38.88 24.98 -0.38
C THR B 277 40.30 25.15 -0.93
N VAL B 278 40.51 26.23 -1.66
CA VAL B 278 41.82 26.55 -2.22
C VAL B 278 42.41 27.72 -1.42
N PHE B 279 43.74 27.81 -1.39
CA PHE B 279 44.42 28.86 -0.68
C PHE B 279 45.12 29.73 -1.72
N ASN B 280 46.43 29.60 -1.91
CA ASN B 280 47.20 30.35 -2.91
C ASN B 280 47.18 31.85 -2.68
N ARG B 281 46.41 32.30 -1.68
CA ARG B 281 46.23 33.72 -1.39
C ARG B 281 45.88 34.46 -2.69
N TYR B 282 46.75 35.39 -3.11
CA TYR B 282 46.67 36.04 -4.41
C TYR B 282 48.06 36.55 -4.74
N PRO B 283 48.53 36.38 -5.98
CA PRO B 283 49.86 36.90 -6.34
C PRO B 283 49.88 38.43 -6.34
N VAL B 284 50.08 39.02 -5.17
CA VAL B 284 50.00 40.46 -5.02
C VAL B 284 51.28 41.09 -4.48
N HIS B 285 52.18 40.32 -3.87
CA HIS B 285 53.40 40.88 -3.30
C HIS B 285 54.49 39.81 -3.35
N ASP B 286 55.71 40.23 -3.05
CA ASP B 286 56.84 39.30 -3.07
C ASP B 286 56.94 38.53 -1.75
N GLU B 287 56.70 39.20 -0.62
CA GLU B 287 56.78 38.57 0.70
C GLU B 287 55.44 37.99 1.14
N VAL B 288 54.60 37.55 0.20
CA VAL B 288 53.26 37.11 0.56
C VAL B 288 53.30 35.77 1.31
N GLU B 289 54.15 34.85 0.86
CA GLU B 289 54.22 33.52 1.46
C GLU B 289 54.99 33.49 2.77
N GLN B 290 55.45 34.63 3.28
CA GLN B 290 56.31 34.67 4.46
C GLN B 290 55.69 35.42 5.63
N ILE B 291 54.38 35.65 5.62
CA ILE B 291 53.71 36.39 6.67
C ILE B 291 52.46 35.65 7.10
N VAL B 292 51.89 36.10 8.22
CA VAL B 292 50.75 35.46 8.86
C VAL B 292 49.47 36.17 8.42
N GLY B 293 48.47 35.39 8.03
CA GLY B 293 47.20 35.97 7.61
C GLY B 293 46.20 34.89 7.27
N ASP B 294 44.99 35.33 6.97
CA ASP B 294 43.87 34.44 6.65
C ASP B 294 43.85 34.18 5.14
N PHE B 295 43.99 32.90 4.75
CA PHE B 295 44.16 32.54 3.34
C PHE B 295 43.06 31.59 2.85
N THR B 296 41.83 31.72 3.35
CA THR B 296 40.77 30.79 2.98
C THR B 296 39.97 31.32 1.79
N SER B 297 39.59 30.41 0.90
CA SER B 297 38.85 30.76 -0.32
C SER B 297 37.83 29.65 -0.59
N LEU B 298 37.36 29.58 -1.84
CA LEU B 298 36.30 28.67 -2.26
C LEU B 298 36.34 28.51 -3.78
N ILE B 299 36.02 27.29 -4.24
CA ILE B 299 35.78 26.96 -5.66
C ILE B 299 34.82 25.77 -5.68
N LEU B 300 34.17 25.56 -6.84
CA LEU B 300 33.18 24.50 -7.02
C LEU B 300 33.56 23.65 -8.23
N LEU B 301 33.50 22.33 -8.08
CA LEU B 301 33.95 21.38 -9.09
C LEU B 301 32.78 20.86 -9.91
N ASP B 302 32.95 20.85 -11.24
CA ASP B 302 32.04 20.20 -12.18
C ASP B 302 32.47 18.75 -12.40
N MET B 303 31.76 17.82 -11.79
CA MET B 303 32.18 16.42 -11.81
C MET B 303 31.25 15.59 -12.68
N ASP B 304 31.70 14.35 -12.94
CA ASP B 304 30.91 13.40 -13.71
C ASP B 304 31.44 12.01 -13.39
N MET B 305 30.81 11.33 -12.42
CA MET B 305 31.16 9.95 -12.13
C MET B 305 30.53 8.98 -13.11
N ASP B 306 29.52 9.41 -13.87
CA ASP B 306 28.97 8.60 -14.95
C ASP B 306 30.08 8.23 -15.90
N GLN B 307 30.57 7.00 -15.80
CA GLN B 307 31.80 6.61 -16.48
C GLN B 307 32.05 5.11 -16.38
N LYS B 308 32.31 4.45 -17.50
CA LYS B 308 32.83 3.09 -17.52
C LYS B 308 34.35 3.07 -17.70
N GLN B 309 35.00 4.21 -17.57
CA GLN B 309 36.42 4.43 -17.81
C GLN B 309 37.22 4.20 -16.54
N PRO B 310 38.54 4.06 -16.65
CA PRO B 310 39.37 3.89 -15.46
C PRO B 310 39.36 5.13 -14.58
N PHE B 311 40.00 4.99 -13.42
CA PHE B 311 40.00 6.06 -12.43
C PHE B 311 40.79 7.27 -12.90
N PHE B 312 41.96 7.04 -13.51
CA PHE B 312 42.85 8.15 -13.86
C PHE B 312 42.29 9.00 -15.00
N THR B 313 41.41 8.45 -15.83
CA THR B 313 40.75 9.28 -16.83
C THR B 313 39.65 10.14 -16.22
N LYS B 314 38.99 9.64 -15.18
CA LYS B 314 38.11 10.49 -14.37
C LYS B 314 38.90 11.63 -13.76
N VAL B 315 40.15 11.39 -13.40
CA VAL B 315 40.99 12.41 -12.79
C VAL B 315 41.39 13.46 -13.82
N GLU B 316 41.67 13.04 -15.05
CA GLU B 316 42.02 14.00 -16.09
C GLU B 316 40.88 14.96 -16.38
N GLN B 317 39.65 14.43 -16.47
CA GLN B 317 38.49 15.30 -16.60
C GLN B 317 38.29 16.14 -15.34
N THR B 318 38.61 15.58 -14.18
CA THR B 318 38.59 16.36 -12.94
C THR B 318 39.59 17.50 -12.98
N GLN B 319 40.80 17.22 -13.49
CA GLN B 319 41.84 18.24 -13.51
C GLN B 319 41.52 19.35 -14.50
N SER B 320 41.08 18.99 -15.70
CA SER B 320 40.71 20.00 -16.69
C SER B 320 39.57 20.89 -16.18
N THR B 321 38.60 20.28 -15.49
CA THR B 321 37.56 21.08 -14.84
C THR B 321 38.13 21.91 -13.69
N LEU B 322 39.01 21.31 -12.90
CA LEU B 322 39.63 22.03 -11.79
C LEU B 322 40.39 23.26 -12.27
N LEU B 323 41.07 23.14 -13.42
CA LEU B 323 41.81 24.27 -13.96
C LEU B 323 40.87 25.33 -14.54
N ASP B 324 39.77 24.88 -15.18
CA ASP B 324 38.80 25.83 -15.71
C ASP B 324 38.21 26.70 -14.62
N GLY B 325 37.93 26.11 -13.45
CA GLY B 325 37.41 26.89 -12.34
C GLY B 325 38.48 27.74 -11.67
N LEU B 326 39.72 27.26 -11.65
CA LEU B 326 40.82 28.04 -11.08
C LEU B 326 41.16 29.24 -11.96
N GLU B 327 41.06 29.08 -13.28
CA GLU B 327 41.35 30.17 -14.20
C GLU B 327 40.30 31.27 -14.16
N HIS B 328 39.19 31.07 -13.45
CA HIS B 328 38.14 32.06 -13.32
C HIS B 328 37.74 32.23 -11.86
N ARG B 329 38.72 32.18 -10.97
CA ARG B 329 38.46 32.31 -9.53
C ARG B 329 38.32 33.75 -9.09
N HIS B 330 38.44 34.72 -10.00
CA HIS B 330 38.11 36.10 -9.66
C HIS B 330 36.67 36.20 -9.19
N TYR B 331 35.77 35.43 -9.81
CA TYR B 331 34.40 35.27 -9.34
C TYR B 331 34.40 34.16 -8.30
N ASP B 332 34.35 34.54 -7.03
CA ASP B 332 34.49 33.57 -5.95
C ASP B 332 33.38 32.53 -6.00
N GLY B 333 33.70 31.32 -5.55
CA GLY B 333 32.72 30.25 -5.54
C GLY B 333 31.51 30.56 -4.68
N VAL B 334 31.69 31.40 -3.65
CA VAL B 334 30.56 31.79 -2.83
C VAL B 334 29.60 32.68 -3.62
N GLU B 335 30.12 33.42 -4.60
CA GLU B 335 29.24 34.19 -5.48
C GLU B 335 28.46 33.27 -6.40
N PHE B 336 29.08 32.17 -6.83
CA PHE B 336 28.38 31.16 -7.61
C PHE B 336 27.27 30.51 -6.79
N ILE B 337 27.52 30.30 -5.49
CA ILE B 337 26.52 29.70 -4.62
C ILE B 337 25.29 30.58 -4.52
N ARG B 338 25.50 31.91 -4.46
CA ARG B 338 24.35 32.82 -4.43
C ARG B 338 23.58 32.80 -5.74
N ASP B 339 24.27 32.61 -6.87
CA ASP B 339 23.57 32.49 -8.14
C ASP B 339 22.84 31.16 -8.24
N TYR B 340 23.47 30.08 -7.78
CA TYR B 340 22.82 28.78 -7.75
C TYR B 340 21.61 28.77 -6.83
N THR B 341 21.65 29.56 -5.75
CA THR B 341 20.57 29.53 -4.76
C THR B 341 19.32 30.21 -5.29
N ARG B 342 19.47 31.30 -6.05
CA ARG B 342 18.32 32.10 -6.46
C ARG B 342 17.42 31.34 -7.42
N TYR B 343 17.98 30.84 -8.53
CA TYR B 343 17.18 30.17 -9.55
C TYR B 343 16.57 28.89 -9.00
N HIS B 344 17.40 27.89 -8.70
CA HIS B 344 16.90 26.58 -8.32
C HIS B 344 16.14 26.58 -6.99
N GLN B 345 15.94 27.74 -6.36
CA GLN B 345 15.11 27.88 -5.16
C GLN B 345 15.63 26.99 -4.03
N MET B 346 16.89 27.25 -3.66
CA MET B 346 17.53 26.45 -2.61
C MET B 346 17.14 26.90 -1.21
N ARG B 347 16.65 28.14 -1.05
CA ARG B 347 16.19 28.74 0.20
C ARG B 347 17.39 29.00 1.11
N PRO B 348 17.18 29.30 2.43
CA PRO B 348 18.34 29.29 3.36
C PRO B 348 18.75 27.89 3.84
N LYS B 349 19.31 27.12 2.92
CA LYS B 349 19.84 25.79 3.23
C LYS B 349 21.31 25.72 2.83
N ALA B 350 22.00 24.72 3.36
CA ALA B 350 23.39 24.46 2.98
C ALA B 350 23.42 24.01 1.54
N VAL B 351 24.01 24.82 0.66
CA VAL B 351 24.00 24.54 -0.77
C VAL B 351 25.16 23.63 -1.17
N MET B 352 26.37 23.92 -0.68
CA MET B 352 27.55 23.11 -0.95
C MET B 352 28.16 22.64 0.36
N PRO B 353 27.48 21.72 1.07
CA PRO B 353 27.99 21.26 2.36
C PRO B 353 29.01 20.14 2.26
N ILE B 354 29.25 19.62 1.06
CA ILE B 354 30.25 18.58 0.84
C ILE B 354 31.55 19.29 0.46
N VAL B 355 32.49 19.36 1.40
CA VAL B 355 33.66 20.20 1.27
C VAL B 355 34.92 19.35 1.30
N PHE B 356 35.83 19.65 0.39
CA PHE B 356 37.18 19.08 0.37
C PHE B 356 38.19 20.20 0.48
N THR B 357 39.21 20.01 1.31
CA THR B 357 40.23 21.02 1.56
C THR B 357 41.58 20.48 1.12
N SER B 358 42.24 21.19 0.21
CA SER B 358 43.52 20.79 -0.35
C SER B 358 44.62 21.62 0.30
N MET B 359 45.35 20.99 1.23
CA MET B 359 46.44 21.65 1.93
C MET B 359 47.76 20.93 1.65
N LEU B 360 47.97 20.52 0.40
CA LEU B 360 49.22 19.87 0.04
C LEU B 360 50.38 20.85 0.17
N ALA B 361 51.59 20.30 0.19
CA ALA B 361 52.80 21.03 0.56
C ALA B 361 52.65 21.65 1.94
N GLY B 362 52.60 20.76 2.94
CA GLY B 362 52.44 21.20 4.32
C GLY B 362 53.53 22.18 4.74
N ALA B 363 54.78 21.79 4.52
CA ALA B 363 55.95 22.64 4.74
C ALA B 363 57.18 21.85 4.31
N GLY B 364 58.31 22.55 4.22
CA GLY B 364 59.55 21.88 3.89
C GLY B 364 59.99 20.89 4.96
N ALA B 365 59.75 21.24 6.22
CA ALA B 365 60.01 20.34 7.34
C ALA B 365 58.87 20.27 8.35
N PHE B 366 57.82 21.09 8.20
CA PHE B 366 56.68 21.13 9.12
C PHE B 366 57.15 21.35 10.55
N ALA B 367 57.41 22.61 10.91
CA ALA B 367 57.89 22.95 12.25
C ALA B 367 56.84 22.66 13.31
N TRP B 368 55.69 22.16 12.88
CA TRP B 368 54.65 21.67 13.79
C TRP B 368 54.79 20.18 14.04
N GLU B 369 56.04 19.71 14.11
CA GLU B 369 56.38 18.32 14.38
C GLU B 369 57.76 18.30 15.03
N GLU B 370 58.60 19.27 14.65
CA GLU B 370 59.91 19.44 15.27
C GLU B 370 59.81 19.68 16.76
N ILE B 371 58.62 20.00 17.25
CA ILE B 371 58.42 20.16 18.69
C ILE B 371 58.16 18.81 19.35
N GLY B 372 57.27 18.01 18.76
CA GLY B 372 56.97 16.71 19.33
C GLY B 372 56.09 15.89 18.43
N SER B 373 55.60 14.78 18.98
CA SER B 373 54.77 13.85 18.23
C SER B 373 53.31 14.29 18.28
N LEU B 374 52.58 13.99 17.21
CA LEU B 374 51.18 14.40 17.09
C LEU B 374 50.30 13.38 17.81
N ARG B 375 49.52 13.85 18.77
CA ARG B 375 48.66 12.99 19.59
C ARG B 375 47.17 13.21 19.36
N HIS B 376 46.74 14.43 19.07
CA HIS B 376 45.32 14.72 18.92
C HIS B 376 45.11 15.78 17.84
N ILE B 377 44.11 15.55 17.00
CA ILE B 377 43.75 16.47 15.92
C ILE B 377 42.26 16.78 16.04
N HIS B 378 41.91 18.06 15.94
CA HIS B 378 40.52 18.47 16.04
C HIS B 378 40.31 19.78 15.30
N ALA B 379 39.09 19.98 14.81
CA ALA B 379 38.73 21.20 14.11
C ALA B 379 37.21 21.33 14.09
N ARG B 380 36.72 22.56 14.23
CA ARG B 380 35.31 22.90 14.11
C ARG B 380 35.14 23.87 12.94
N THR B 381 34.15 23.60 12.08
CA THR B 381 33.99 24.39 10.86
C THR B 381 32.52 24.62 10.55
N PRO B 382 32.03 25.85 10.62
CA PRO B 382 30.58 26.08 10.44
C PRO B 382 30.13 25.83 9.00
N GLN B 383 28.90 25.33 8.89
CA GLN B 383 28.19 25.16 7.61
C GLN B 383 28.92 24.16 6.70
N VAL B 384 29.20 22.98 7.24
CA VAL B 384 29.66 21.84 6.45
C VAL B 384 29.05 20.58 7.03
N TYR B 385 28.63 19.68 6.14
CA TYR B 385 28.24 18.33 6.61
C TYR B 385 29.48 17.52 6.97
N LEU B 386 30.49 17.57 6.11
CA LEU B 386 31.78 16.94 6.37
C LEU B 386 32.84 17.67 5.54
N ASP B 387 34.00 17.89 6.15
CA ASP B 387 35.11 18.59 5.50
C ASP B 387 36.30 17.65 5.46
N ASN B 388 36.61 17.13 4.27
CA ASN B 388 37.77 16.27 4.07
C ASN B 388 38.97 17.16 3.76
N VAL B 389 39.86 17.32 4.74
CA VAL B 389 41.08 18.10 4.57
C VAL B 389 42.25 17.12 4.48
N VAL B 390 43.03 17.25 3.40
CA VAL B 390 44.22 16.43 3.19
C VAL B 390 45.42 17.38 3.17
N ILE B 391 46.37 17.13 4.08
CA ILE B 391 47.50 18.03 4.29
C ILE B 391 48.76 17.20 4.42
N GLU B 392 49.86 17.70 3.86
CA GLU B 392 51.14 17.01 3.97
C GLU B 392 51.81 17.33 5.30
N LYS B 393 52.73 16.44 5.70
CA LYS B 393 53.41 16.57 6.99
C LYS B 393 54.79 15.92 6.85
N ASN B 394 55.72 16.67 6.25
CA ASN B 394 57.12 16.24 6.12
C ASN B 394 57.22 14.88 5.43
N GLY B 395 56.56 14.77 4.28
CA GLY B 395 56.53 13.53 3.54
C GLY B 395 55.39 12.59 3.89
N GLU B 396 54.80 12.75 5.07
CA GLU B 396 53.65 11.95 5.48
C GLU B 396 52.37 12.71 5.17
N LEU B 397 51.34 11.98 4.77
CA LEU B 397 50.06 12.56 4.39
C LEU B 397 49.05 12.37 5.50
N LEU B 398 48.41 13.46 5.93
CA LEU B 398 47.39 13.43 6.97
C LEU B 398 46.02 13.63 6.32
N VAL B 399 45.13 12.68 6.53
CA VAL B 399 43.76 12.75 6.06
C VAL B 399 42.86 12.90 7.29
N SER B 400 42.13 14.00 7.36
CA SER B 400 41.27 14.30 8.51
C SER B 400 39.88 14.67 8.01
N TRP B 401 38.86 13.99 8.54
CA TRP B 401 37.46 14.24 8.19
C TRP B 401 36.78 14.91 9.37
N ASN B 402 36.56 16.22 9.26
CA ASN B 402 35.79 16.96 10.24
C ASN B 402 34.33 17.00 9.81
N TYR B 403 33.43 16.54 10.67
CA TYR B 403 32.04 16.36 10.31
C TYR B 403 31.13 16.67 11.48
N VAL B 404 29.94 17.17 11.16
CA VAL B 404 28.87 17.34 12.14
C VAL B 404 28.29 15.96 12.42
N GLU B 405 28.68 15.35 13.53
CA GLU B 405 28.18 14.01 13.84
C GLU B 405 26.70 14.00 14.21
N GLU B 406 26.11 15.16 14.55
CA GLU B 406 24.66 15.28 14.68
C GLU B 406 23.95 15.22 13.34
N LEU B 407 24.43 14.34 12.45
CA LEU B 407 23.92 14.21 11.09
C LEU B 407 24.22 12.83 10.53
N PHE B 408 25.16 12.11 11.12
CA PHE B 408 25.71 10.89 10.53
C PHE B 408 25.55 9.69 11.45
N ASP B 409 25.29 8.54 10.85
CA ASP B 409 25.49 7.27 11.53
C ASP B 409 26.98 7.00 11.64
N ALA B 410 27.39 6.55 12.84
CA ALA B 410 28.82 6.37 13.09
C ALA B 410 29.42 5.32 12.17
N GLU B 411 28.67 4.25 11.88
CA GLU B 411 29.19 3.20 11.01
C GLU B 411 29.32 3.67 9.57
N VAL B 412 28.45 4.57 9.12
CA VAL B 412 28.52 5.08 7.76
C VAL B 412 29.72 6.00 7.60
N MET B 413 29.94 6.90 8.57
CA MET B 413 31.07 7.82 8.50
C MET B 413 32.40 7.06 8.57
N GLU B 414 32.48 6.03 9.41
CA GLU B 414 33.68 5.22 9.47
C GLU B 414 33.90 4.45 8.18
N SER B 415 32.81 3.99 7.55
CA SER B 415 32.94 3.26 6.30
C SER B 415 33.38 4.18 5.16
N MET B 416 32.80 5.39 5.09
CA MET B 416 33.23 6.35 4.08
C MET B 416 34.70 6.74 4.27
N PHE B 417 35.12 6.89 5.54
CA PHE B 417 36.52 7.21 5.81
C PHE B 417 37.43 6.05 5.46
N THR B 418 36.98 4.82 5.72
CA THR B 418 37.79 3.64 5.38
C THR B 418 37.87 3.44 3.87
N GLN B 419 36.75 3.60 3.17
CA GLN B 419 36.75 3.41 1.72
C GLN B 419 37.65 4.44 1.04
N PHE B 420 37.69 5.67 1.56
CA PHE B 420 38.58 6.67 1.00
C PHE B 420 40.03 6.25 1.12
N VAL B 421 40.41 5.66 2.26
CA VAL B 421 41.79 5.21 2.44
C VAL B 421 42.05 3.95 1.64
N GLU B 422 41.08 3.05 1.55
CA GLU B 422 41.26 1.82 0.79
C GLU B 422 41.45 2.12 -0.69
N LEU B 423 40.76 3.14 -1.21
CA LEU B 423 40.97 3.53 -2.60
C LEU B 423 42.36 4.12 -2.82
N LEU B 424 42.89 4.85 -1.82
CA LEU B 424 44.24 5.37 -1.93
C LEU B 424 45.27 4.25 -1.94
N ASP B 425 45.03 3.19 -1.16
CA ASP B 425 45.93 2.03 -1.19
C ASP B 425 45.94 1.38 -2.56
N GLN B 426 44.75 1.20 -3.17
CA GLN B 426 44.68 0.59 -4.49
C GLN B 426 45.36 1.46 -5.54
N LEU B 427 45.30 2.78 -5.40
CA LEU B 427 46.03 3.67 -6.29
C LEU B 427 47.53 3.45 -6.17
N VAL B 428 48.01 3.11 -4.97
CA VAL B 428 49.43 2.84 -4.78
C VAL B 428 49.78 1.42 -5.21
N GLU B 429 48.86 0.47 -4.98
CA GLU B 429 49.17 -0.93 -5.23
C GLU B 429 49.03 -1.28 -6.71
N GLN B 430 47.94 -0.84 -7.35
CA GLN B 430 47.68 -1.21 -8.74
C GLN B 430 47.68 -0.02 -9.70
N GLY B 431 47.60 1.21 -9.21
CA GLY B 431 47.47 2.36 -10.08
C GLY B 431 46.07 2.68 -10.51
N ASP B 432 45.12 1.76 -10.30
CA ASP B 432 43.70 1.97 -10.56
C ASP B 432 42.93 1.57 -9.31
N ILE B 433 41.61 1.74 -9.34
CA ILE B 433 40.78 1.41 -8.20
C ILE B 433 39.74 0.38 -8.63
N ASN B 434 39.35 -0.45 -7.68
CA ASN B 434 38.24 -1.38 -7.81
C ASN B 434 36.96 -0.72 -7.32
N PRO B 435 35.80 -1.15 -7.83
CA PRO B 435 34.53 -0.58 -7.37
C PRO B 435 34.32 -0.85 -5.88
N LEU B 436 33.54 0.02 -5.25
CA LEU B 436 33.32 -0.05 -3.81
C LEU B 436 32.31 -1.13 -3.47
N ARG B 437 32.60 -1.86 -2.39
CA ARG B 437 31.73 -2.89 -1.85
C ARG B 437 31.44 -2.58 -0.39
N ILE B 438 30.37 -3.17 0.13
CA ILE B 438 30.00 -3.02 1.53
C ILE B 438 29.59 -4.37 2.08
N SER B 439 30.09 -4.69 3.27
CA SER B 439 29.65 -5.86 4.02
C SER B 439 29.08 -5.40 5.36
N GLN B 440 29.91 -5.40 6.40
CA GLN B 440 29.56 -4.88 7.72
C GLN B 440 28.25 -5.53 8.19
N LYS B 441 27.44 -4.78 8.92
CA LYS B 441 26.08 -5.21 9.28
C LYS B 441 25.09 -4.73 8.23
N ASP B 442 25.28 -5.22 7.00
CA ASP B 442 24.48 -4.78 5.87
C ASP B 442 24.31 -5.90 4.85
N TYR B 443 25.40 -6.54 4.45
CA TYR B 443 25.32 -7.62 3.48
C TYR B 443 24.57 -8.82 4.03
N ALA B 444 24.85 -9.18 5.29
CA ALA B 444 24.19 -10.35 5.88
C ALA B 444 22.68 -10.17 5.96
N LEU B 445 22.21 -8.93 6.11
CA LEU B 445 20.78 -8.68 6.16
C LEU B 445 20.12 -8.97 4.81
N ILE B 446 20.68 -8.42 3.73
CA ILE B 446 20.09 -8.62 2.41
C ILE B 446 20.31 -10.03 1.89
N ASP B 447 21.35 -10.72 2.37
CA ASP B 447 21.57 -12.10 1.95
C ASP B 447 20.48 -13.01 2.48
N GLN B 448 20.09 -12.84 3.75
CA GLN B 448 18.95 -13.56 4.29
C GLN B 448 17.63 -12.94 3.89
N TYR B 449 17.63 -11.65 3.52
CA TYR B 449 16.40 -11.01 3.05
C TYR B 449 15.89 -11.65 1.77
N ASN B 450 16.79 -12.10 0.90
CA ASN B 450 16.43 -12.71 -0.36
C ASN B 450 16.54 -14.24 -0.34
N ALA B 451 16.82 -14.82 0.82
CA ALA B 451 16.84 -16.29 0.96
C ALA B 451 15.40 -16.83 1.02
N THR B 452 14.69 -16.63 -0.08
CA THR B 452 13.25 -16.90 -0.14
C THR B 452 12.91 -18.07 -1.04
N ALA B 453 13.90 -18.86 -1.46
CA ALA B 453 13.63 -19.99 -2.36
C ALA B 453 12.81 -21.05 -1.65
N GLU B 454 11.88 -21.65 -2.38
CA GLU B 454 11.01 -22.70 -1.87
C GLU B 454 10.86 -23.80 -2.92
N PRO B 455 10.75 -25.05 -2.49
CA PRO B 455 10.67 -26.19 -3.43
C PRO B 455 9.25 -26.58 -3.85
N ILE B 456 8.73 -25.86 -4.85
CA ILE B 456 7.39 -26.14 -5.37
C ILE B 456 7.43 -26.13 -6.90
N PRO B 457 7.21 -27.27 -7.56
CA PRO B 457 7.08 -27.24 -9.02
C PRO B 457 5.68 -26.81 -9.46
N ALA B 458 4.67 -27.39 -8.81
CA ALA B 458 3.26 -27.00 -8.95
C ALA B 458 2.72 -27.15 -10.37
N ALA B 459 3.52 -27.69 -11.29
CA ALA B 459 3.09 -27.99 -12.64
C ALA B 459 2.44 -26.79 -13.34
N THR B 460 1.17 -26.93 -13.72
CA THR B 460 0.43 -25.90 -14.43
C THR B 460 -0.77 -25.45 -13.59
N LEU B 461 -1.38 -24.34 -14.02
CA LEU B 461 -2.54 -23.82 -13.30
C LEU B 461 -3.71 -24.78 -13.37
N HIS B 462 -4.00 -25.31 -14.56
CA HIS B 462 -5.14 -26.20 -14.72
C HIS B 462 -4.89 -27.57 -14.08
N GLN B 463 -3.64 -27.95 -13.87
CA GLN B 463 -3.36 -29.21 -13.18
C GLN B 463 -3.60 -29.10 -11.68
N LEU B 464 -3.35 -27.93 -11.09
CA LEU B 464 -3.68 -27.71 -9.68
C LEU B 464 -5.19 -27.79 -9.46
N PHE B 465 -5.98 -27.36 -10.45
CA PHE B 465 -7.42 -27.46 -10.33
C PHE B 465 -7.91 -28.89 -10.45
N ILE B 466 -7.31 -29.67 -11.38
CA ILE B 466 -7.74 -31.04 -11.60
C ILE B 466 -7.45 -31.90 -10.38
N ASP B 467 -6.25 -31.76 -9.82
CA ASP B 467 -5.89 -32.53 -8.63
C ASP B 467 -6.85 -32.25 -7.48
N GLN B 468 -7.19 -30.97 -7.27
CA GLN B 468 -8.08 -30.62 -6.17
C GLN B 468 -9.54 -30.96 -6.50
N ALA B 469 -9.91 -30.92 -7.78
CA ALA B 469 -11.27 -31.28 -8.16
C ALA B 469 -11.55 -32.76 -7.89
N GLN B 470 -10.51 -33.60 -7.90
CA GLN B 470 -10.70 -35.00 -7.55
C GLN B 470 -10.79 -35.20 -6.04
N ARG B 471 -10.19 -34.31 -5.25
CA ARG B 471 -10.27 -34.41 -3.80
C ARG B 471 -11.68 -34.10 -3.32
N THR B 472 -12.21 -32.94 -3.70
CA THR B 472 -13.54 -32.49 -3.29
C THR B 472 -14.36 -32.21 -4.54
N PRO B 473 -14.90 -33.26 -5.17
CA PRO B 473 -15.65 -33.04 -6.43
C PRO B 473 -16.97 -32.32 -6.23
N ASP B 474 -17.59 -32.46 -5.06
CA ASP B 474 -18.89 -31.86 -4.80
C ASP B 474 -18.79 -30.47 -4.18
N GLN B 475 -17.58 -30.00 -3.90
CA GLN B 475 -17.41 -28.64 -3.40
C GLN B 475 -17.74 -27.63 -4.49
N VAL B 476 -18.31 -26.51 -4.07
CA VAL B 476 -18.64 -25.46 -5.03
C VAL B 476 -17.36 -24.84 -5.56
N ALA B 477 -17.24 -24.74 -6.89
CA ALA B 477 -16.06 -24.18 -7.52
C ALA B 477 -16.17 -22.67 -7.70
N VAL B 478 -17.24 -22.22 -8.35
CA VAL B 478 -17.44 -20.79 -8.61
C VAL B 478 -18.94 -20.51 -8.61
N VAL B 479 -19.34 -19.44 -7.91
CA VAL B 479 -20.73 -19.02 -7.79
C VAL B 479 -20.87 -17.60 -8.29
N PHE B 480 -21.93 -17.36 -9.08
CA PHE B 480 -22.27 -15.98 -9.43
C PHE B 480 -23.50 -15.51 -8.67
N GLU B 481 -24.69 -15.93 -9.10
CA GLU B 481 -25.92 -15.52 -8.44
C GLU B 481 -26.82 -16.72 -8.14
N GLN B 482 -27.43 -17.29 -9.18
CA GLN B 482 -28.44 -18.33 -8.98
C GLN B 482 -28.04 -19.71 -9.47
N GLU B 483 -27.01 -19.82 -10.31
CA GLU B 483 -26.51 -21.10 -10.75
C GLU B 483 -25.00 -21.11 -10.62
N TRP B 484 -24.44 -22.19 -10.07
CA TRP B 484 -23.02 -22.26 -9.85
C TRP B 484 -22.50 -23.66 -10.14
N LEU B 485 -21.19 -23.74 -10.35
CA LEU B 485 -20.52 -24.95 -10.78
C LEU B 485 -19.74 -25.55 -9.62
N THR B 486 -19.85 -26.88 -9.49
CA THR B 486 -18.99 -27.60 -8.56
C THR B 486 -17.65 -27.92 -9.24
N TYR B 487 -16.73 -28.47 -8.45
CA TYR B 487 -15.42 -28.79 -8.99
C TYR B 487 -15.53 -29.86 -10.08
N SER B 488 -16.40 -30.84 -9.89
CA SER B 488 -16.63 -31.84 -10.94
C SER B 488 -17.33 -31.22 -12.14
N GLU B 489 -18.26 -30.29 -11.90
CA GLU B 489 -18.95 -29.63 -13.01
C GLU B 489 -18.00 -28.77 -13.82
N LEU B 490 -17.16 -27.98 -13.15
CA LEU B 490 -16.20 -27.15 -13.87
C LEU B 490 -15.22 -28.01 -14.65
N ASP B 491 -14.80 -29.13 -14.09
CA ASP B 491 -13.88 -30.02 -14.79
C ASP B 491 -14.55 -30.65 -16.02
N GLN B 492 -15.82 -31.04 -15.89
CA GLN B 492 -16.50 -31.67 -17.01
C GLN B 492 -16.74 -30.69 -18.16
N ARG B 493 -17.14 -29.46 -17.84
CA ARG B 493 -17.45 -28.50 -18.90
C ARG B 493 -16.21 -27.85 -19.47
N SER B 494 -15.13 -27.76 -18.69
CA SER B 494 -13.88 -27.24 -19.25
C SER B 494 -13.21 -28.27 -20.15
N ASN B 495 -13.35 -29.56 -19.84
CA ASN B 495 -12.86 -30.61 -20.74
C ASN B 495 -13.63 -30.59 -22.05
N GLN B 496 -14.96 -30.48 -21.99
CA GLN B 496 -15.77 -30.47 -23.21
C GLN B 496 -15.40 -29.31 -24.12
N VAL B 497 -15.13 -28.14 -23.55
CA VAL B 497 -14.78 -26.99 -24.37
C VAL B 497 -13.33 -27.08 -24.85
N ALA B 498 -12.44 -27.65 -24.04
CA ALA B 498 -11.05 -27.81 -24.46
C ALA B 498 -10.95 -28.71 -25.69
N ARG B 499 -11.75 -29.78 -25.73
CA ARG B 499 -11.79 -30.62 -26.93
C ARG B 499 -12.36 -29.85 -28.12
N PHE B 500 -13.34 -28.97 -27.87
CA PHE B 500 -13.88 -28.13 -28.94
C PHE B 500 -12.80 -27.21 -29.50
N LEU B 501 -11.94 -26.66 -28.64
CA LEU B 501 -10.88 -25.79 -29.11
C LEU B 501 -9.88 -26.56 -29.96
N GLN B 502 -9.53 -27.77 -29.56
CA GLN B 502 -8.57 -28.57 -30.33
C GLN B 502 -9.12 -28.94 -31.70
N SER B 503 -10.44 -29.09 -31.82
CA SER B 503 -11.04 -29.35 -33.13
C SER B 503 -10.87 -28.17 -34.07
N ARG B 504 -10.62 -26.97 -33.55
CA ARG B 504 -10.31 -25.80 -34.35
C ARG B 504 -8.81 -25.58 -34.50
N GLY B 505 -8.00 -26.60 -34.18
CA GLY B 505 -6.57 -26.49 -34.36
C GLY B 505 -5.83 -25.72 -33.29
N ILE B 506 -6.41 -25.56 -32.11
CA ILE B 506 -5.79 -24.81 -31.03
C ILE B 506 -4.93 -25.76 -30.20
N GLY B 507 -3.64 -25.47 -30.14
CA GLY B 507 -2.71 -26.31 -29.40
C GLY B 507 -1.59 -25.53 -28.74
N ARG B 508 -0.46 -26.20 -28.50
CA ARG B 508 0.65 -25.58 -27.81
C ARG B 508 1.23 -24.42 -28.64
N GLY B 509 1.48 -23.30 -27.97
CA GLY B 509 2.02 -22.12 -28.62
C GLY B 509 0.98 -21.11 -29.07
N ASP B 510 -0.31 -21.46 -29.03
CA ASP B 510 -1.36 -20.57 -29.46
C ASP B 510 -1.81 -19.66 -28.32
N ARG B 511 -2.61 -18.66 -28.67
CA ARG B 511 -3.20 -17.73 -27.70
C ARG B 511 -4.66 -17.53 -28.05
N VAL B 512 -5.51 -17.55 -27.02
CA VAL B 512 -6.95 -17.47 -27.18
C VAL B 512 -7.47 -16.25 -26.44
N GLY B 513 -8.32 -15.46 -27.10
CA GLY B 513 -8.95 -14.32 -26.46
C GLY B 513 -10.22 -14.74 -25.75
N VAL B 514 -10.39 -14.25 -24.54
CA VAL B 514 -11.57 -14.54 -23.73
C VAL B 514 -12.17 -13.21 -23.26
N LEU B 515 -13.49 -13.14 -23.24
CA LEU B 515 -14.20 -11.97 -22.76
C LEU B 515 -14.48 -12.12 -21.26
N ALA B 516 -14.08 -11.12 -20.49
CA ALA B 516 -14.14 -11.20 -19.03
C ALA B 516 -15.49 -10.69 -18.52
N LYS B 517 -16.55 -11.38 -18.94
CA LYS B 517 -17.87 -11.10 -18.41
C LYS B 517 -18.05 -11.78 -17.06
N ARG B 518 -18.91 -11.18 -16.22
CA ARG B 518 -19.13 -11.68 -14.86
C ARG B 518 -20.16 -12.82 -14.89
N GLN B 519 -19.74 -13.94 -15.48
CA GLN B 519 -20.56 -15.12 -15.60
C GLN B 519 -19.69 -16.35 -15.40
N VAL B 520 -20.31 -17.45 -14.95
CA VAL B 520 -19.56 -18.68 -14.69
C VAL B 520 -19.06 -19.31 -15.98
N GLU B 521 -19.67 -18.99 -17.13
CA GLU B 521 -19.18 -19.52 -18.39
C GLU B 521 -17.78 -19.02 -18.71
N THR B 522 -17.42 -17.83 -18.23
CA THR B 522 -16.09 -17.29 -18.46
C THR B 522 -15.02 -18.12 -17.75
N ILE B 523 -15.35 -18.67 -16.57
CA ILE B 523 -14.41 -19.52 -15.87
C ILE B 523 -14.17 -20.81 -16.64
N ILE B 524 -15.20 -21.32 -17.30
CA ILE B 524 -15.06 -22.56 -18.08
C ILE B 524 -14.16 -22.32 -19.28
N ASN B 525 -14.39 -21.22 -20.00
CA ASN B 525 -13.58 -20.93 -21.18
C ASN B 525 -12.11 -20.76 -20.82
N LEU B 526 -11.82 -20.04 -19.73
CA LEU B 526 -10.43 -19.86 -19.31
C LEU B 526 -9.76 -21.19 -19.02
N MET B 527 -10.40 -22.02 -18.18
CA MET B 527 -9.83 -23.33 -17.86
C MET B 527 -9.70 -24.20 -19.09
N ALA B 528 -10.63 -24.07 -20.04
CA ALA B 528 -10.57 -24.89 -21.25
C ALA B 528 -9.43 -24.45 -22.16
N VAL B 529 -9.08 -23.17 -22.16
CA VAL B 529 -7.95 -22.70 -22.96
C VAL B 529 -6.64 -23.23 -22.39
N LEU B 530 -6.49 -23.20 -21.07
CA LEU B 530 -5.28 -23.73 -20.45
C LEU B 530 -5.16 -25.23 -20.64
N LYS B 531 -6.28 -25.95 -20.56
CA LYS B 531 -6.25 -27.40 -20.78
C LYS B 531 -5.85 -27.73 -22.22
N ALA B 532 -6.19 -26.87 -23.17
CA ALA B 532 -5.78 -27.06 -24.56
C ALA B 532 -4.30 -26.76 -24.78
N GLY B 533 -3.58 -26.33 -23.74
CA GLY B 533 -2.18 -26.00 -23.86
C GLY B 533 -1.89 -24.57 -24.23
N ALA B 534 -2.90 -23.78 -24.58
CA ALA B 534 -2.71 -22.41 -25.03
C ALA B 534 -2.86 -21.43 -23.87
N ALA B 535 -2.34 -20.23 -24.08
CA ALA B 535 -2.49 -19.13 -23.15
C ALA B 535 -3.74 -18.32 -23.51
N TYR B 536 -4.28 -17.63 -22.51
CA TYR B 536 -5.49 -16.83 -22.70
C TYR B 536 -5.17 -15.35 -22.52
N VAL B 537 -5.84 -14.53 -23.33
CA VAL B 537 -5.69 -13.08 -23.25
C VAL B 537 -7.06 -12.48 -22.92
N PRO B 538 -7.27 -11.98 -21.70
CA PRO B 538 -8.59 -11.45 -21.35
C PRO B 538 -8.86 -10.14 -22.07
N ILE B 539 -10.12 -9.95 -22.46
CA ILE B 539 -10.56 -8.75 -23.16
C ILE B 539 -11.73 -8.15 -22.38
N ASP B 540 -11.63 -6.86 -22.08
CA ASP B 540 -12.69 -6.17 -21.37
C ASP B 540 -13.85 -5.90 -22.31
N PRO B 541 -15.05 -6.44 -22.04
CA PRO B 541 -16.19 -6.19 -22.95
C PRO B 541 -16.63 -4.74 -22.97
N ASP B 542 -16.30 -3.95 -21.95
CA ASP B 542 -16.65 -2.54 -21.92
C ASP B 542 -15.65 -1.66 -22.63
N HIS B 543 -14.48 -2.19 -23.00
CA HIS B 543 -13.53 -1.43 -23.79
C HIS B 543 -14.12 -1.13 -25.17
N PRO B 544 -13.72 -0.02 -25.79
CA PRO B 544 -14.18 0.26 -27.15
C PRO B 544 -13.67 -0.78 -28.13
N TYR B 545 -14.38 -0.88 -29.26
CA TYR B 545 -14.05 -1.90 -30.26
C TYR B 545 -12.62 -1.74 -30.77
N GLU B 546 -12.16 -0.50 -30.95
CA GLU B 546 -10.83 -0.27 -31.50
C GLU B 546 -9.73 -0.76 -30.55
N ARG B 547 -9.96 -0.66 -29.24
CA ARG B 547 -8.96 -1.14 -28.29
C ARG B 547 -9.02 -2.66 -28.15
N GLN B 548 -10.23 -3.23 -28.16
CA GLN B 548 -10.35 -4.68 -28.15
C GLN B 548 -9.70 -5.30 -29.39
N THR B 549 -9.86 -4.66 -30.54
CA THR B 549 -9.27 -5.17 -31.77
C THR B 549 -7.74 -5.10 -31.72
N TYR B 550 -7.20 -4.03 -31.15
CA TYR B 550 -5.75 -3.88 -31.09
C TYR B 550 -5.11 -5.03 -30.33
N ILE B 551 -5.65 -5.36 -29.15
CA ILE B 551 -5.06 -6.42 -28.33
C ILE B 551 -5.17 -7.76 -29.03
N LEU B 552 -6.31 -8.03 -29.68
CA LEU B 552 -6.51 -9.32 -30.32
C LEU B 552 -5.55 -9.53 -31.47
N GLU B 553 -5.27 -8.49 -32.25
CA GLU B 553 -4.33 -8.62 -33.36
C GLU B 553 -2.89 -8.51 -32.88
N ASN B 554 -2.62 -7.66 -31.89
CA ASN B 554 -1.27 -7.53 -31.37
C ASN B 554 -0.79 -8.81 -30.68
N SER B 555 -1.71 -9.54 -30.05
CA SER B 555 -1.39 -10.77 -29.36
C SER B 555 -1.41 -11.99 -30.27
N SER B 556 -1.79 -11.83 -31.52
CA SER B 556 -1.84 -12.93 -32.50
C SER B 556 -2.76 -14.06 -32.03
N CYS B 557 -3.93 -13.69 -31.52
CA CYS B 557 -4.91 -14.67 -31.10
C CYS B 557 -5.71 -15.17 -32.30
N LYS B 558 -6.08 -16.46 -32.24
CA LYS B 558 -6.82 -17.06 -33.34
C LYS B 558 -8.31 -16.72 -33.25
N ILE B 559 -8.94 -17.02 -32.11
CA ILE B 559 -10.37 -16.80 -31.93
C ILE B 559 -10.60 -16.10 -30.59
N LEU B 560 -11.84 -15.62 -30.43
CA LEU B 560 -12.28 -14.95 -29.21
C LEU B 560 -13.47 -15.69 -28.64
N LEU B 561 -13.37 -16.12 -27.38
CA LEU B 561 -14.43 -16.86 -26.72
C LEU B 561 -15.27 -15.92 -25.87
N ASP B 562 -16.58 -16.00 -26.03
CA ASP B 562 -17.53 -15.28 -25.19
C ASP B 562 -18.35 -16.30 -24.41
N SER B 563 -19.45 -15.84 -23.82
CA SER B 563 -20.34 -16.73 -23.07
C SER B 563 -21.24 -17.56 -23.96
N ASP B 564 -21.28 -17.26 -25.27
CA ASP B 564 -22.14 -17.97 -26.21
C ASP B 564 -21.33 -19.05 -26.91
N LEU B 565 -21.16 -20.18 -26.22
CA LEU B 565 -20.29 -21.23 -26.73
C LEU B 565 -20.73 -22.62 -26.32
N TYR B 566 -20.87 -22.86 -25.01
CA TYR B 566 -21.23 -24.19 -24.54
C TYR B 566 -22.61 -24.58 -25.01
N GLU B 567 -23.55 -23.65 -25.01
CA GLU B 567 -24.90 -23.91 -25.50
C GLU B 567 -25.03 -23.65 -26.99
N THR B 568 -24.33 -22.62 -27.49
CA THR B 568 -24.45 -22.27 -28.91
C THR B 568 -23.86 -23.36 -29.81
N MET B 569 -22.69 -23.89 -29.44
CA MET B 569 -22.01 -24.91 -30.22
C MET B 569 -22.36 -26.33 -29.76
N GLU B 570 -23.32 -26.48 -28.86
CA GLU B 570 -23.78 -27.79 -28.39
C GLU B 570 -22.63 -28.62 -27.84
N ILE B 571 -21.74 -27.97 -27.09
CA ILE B 571 -20.55 -28.63 -26.57
C ILE B 571 -20.86 -29.61 -25.45
N SER B 572 -22.11 -29.65 -24.98
CA SER B 572 -22.51 -30.68 -24.02
C SER B 572 -22.45 -32.08 -24.60
N SER B 573 -22.21 -32.22 -25.91
CA SER B 573 -22.11 -33.53 -26.55
C SER B 573 -20.69 -34.05 -26.65
N TYR B 574 -19.68 -33.20 -26.46
CA TYR B 574 -18.30 -33.65 -26.48
C TYR B 574 -18.01 -34.53 -25.27
N ALA B 575 -16.81 -35.10 -25.25
CA ALA B 575 -16.39 -35.93 -24.13
C ALA B 575 -16.05 -35.06 -22.93
N ASP B 576 -16.38 -35.55 -21.74
CA ASP B 576 -16.17 -34.81 -20.49
C ASP B 576 -15.09 -35.44 -19.61
N GLY B 577 -14.29 -36.34 -20.16
CA GLY B 577 -13.27 -37.04 -19.39
C GLY B 577 -11.95 -36.30 -19.39
N ASP B 578 -10.95 -36.95 -18.79
CA ASP B 578 -9.61 -36.39 -18.71
C ASP B 578 -8.97 -36.30 -20.08
N LEU B 579 -8.16 -35.27 -20.27
CA LEU B 579 -7.37 -35.08 -21.49
C LEU B 579 -5.89 -35.20 -21.16
N THR B 580 -5.19 -36.07 -21.89
CA THR B 580 -3.76 -36.23 -21.68
C THR B 580 -3.06 -34.88 -21.83
N PRO B 581 -2.23 -34.48 -20.87
CA PRO B 581 -1.79 -33.08 -20.80
C PRO B 581 -1.08 -32.60 -22.05
N VAL B 582 -1.06 -31.26 -22.20
CA VAL B 582 -0.42 -30.59 -23.32
C VAL B 582 0.63 -29.60 -22.85
N ALA B 583 0.28 -28.77 -21.86
CA ALA B 583 1.13 -27.67 -21.44
C ALA B 583 2.17 -28.13 -20.43
N GLU B 584 3.34 -27.50 -20.51
CA GLU B 584 4.45 -27.67 -19.57
C GLU B 584 4.59 -26.42 -18.72
N PRO B 585 5.20 -26.52 -17.54
CA PRO B 585 5.32 -25.34 -16.66
C PRO B 585 6.03 -24.16 -17.30
N GLU B 586 6.89 -24.39 -18.30
CA GLU B 586 7.57 -23.29 -18.98
C GLU B 586 6.69 -22.63 -20.04
N ASP B 587 5.52 -23.19 -20.33
CA ASP B 587 4.64 -22.61 -21.33
C ASP B 587 3.93 -21.38 -20.79
N THR B 588 3.46 -20.55 -21.72
CA THR B 588 2.74 -19.33 -21.36
C THR B 588 1.32 -19.70 -20.93
N ALA B 589 0.90 -19.19 -19.77
CA ALA B 589 -0.45 -19.39 -19.28
C ALA B 589 -1.40 -18.27 -19.68
N TYR B 590 -0.93 -17.03 -19.70
CA TYR B 590 -1.78 -15.92 -20.08
C TYR B 590 -0.90 -14.71 -20.44
N VAL B 591 -1.44 -13.86 -21.31
CA VAL B 591 -0.83 -12.59 -21.65
C VAL B 591 -1.87 -11.50 -21.38
N ILE B 592 -1.52 -10.55 -20.52
CA ILE B 592 -2.43 -9.50 -20.07
C ILE B 592 -1.82 -8.15 -20.40
N TYR B 593 -2.63 -7.26 -20.96
CA TYR B 593 -2.17 -5.96 -21.44
C TYR B 593 -2.47 -4.87 -20.41
N THR B 594 -1.49 -3.99 -20.21
CA THR B 594 -1.61 -2.89 -19.26
C THR B 594 -1.22 -1.58 -19.94
N SER B 595 -1.58 -0.47 -19.29
CA SER B 595 -1.25 0.88 -19.74
C SER B 595 -1.76 1.12 -21.17
N GLY B 596 -3.09 1.08 -21.30
CA GLY B 596 -3.73 1.26 -22.59
C GLY B 596 -3.44 2.59 -23.27
N ARG B 600 -1.39 0.79 -28.12
CA ARG B 600 -0.82 1.49 -26.97
C ARG B 600 -0.50 0.57 -25.78
N PRO B 601 -1.42 -0.29 -25.36
CA PRO B 601 -1.11 -1.19 -24.24
C PRO B 601 -0.06 -2.23 -24.61
N LYS B 602 0.63 -2.72 -23.59
CA LYS B 602 1.67 -3.72 -23.73
C LYS B 602 1.29 -4.98 -22.97
N GLY B 603 1.49 -6.13 -23.59
CA GLY B 603 1.14 -7.40 -22.98
C GLY B 603 2.28 -8.00 -22.17
N VAL B 604 1.91 -8.67 -21.08
CA VAL B 604 2.86 -9.30 -20.17
C VAL B 604 2.71 -10.81 -20.26
N ILE B 605 3.81 -11.50 -20.50
CA ILE B 605 3.81 -12.94 -20.75
C ILE B 605 4.17 -13.66 -19.46
N ILE B 606 3.17 -14.28 -18.83
CA ILE B 606 3.34 -15.02 -17.58
C ILE B 606 3.24 -16.51 -17.87
N THR B 607 4.20 -17.27 -17.37
CA THR B 607 4.24 -18.71 -17.59
C THR B 607 3.45 -19.45 -16.50
N HIS B 608 3.24 -20.74 -16.72
CA HIS B 608 2.53 -21.56 -15.75
C HIS B 608 3.36 -21.78 -14.49
N GLN B 609 4.65 -22.05 -14.66
CA GLN B 609 5.54 -22.21 -13.50
C GLN B 609 5.55 -20.94 -12.65
N ALA B 610 5.55 -19.78 -13.29
CA ALA B 610 5.61 -18.52 -12.54
C ALA B 610 4.30 -18.25 -11.81
N ALA B 611 3.17 -18.37 -12.50
CA ALA B 611 1.88 -18.07 -11.88
C ALA B 611 1.57 -19.04 -10.74
N SER B 612 2.14 -20.24 -10.78
CA SER B 612 1.89 -21.22 -9.73
C SER B 612 2.69 -20.92 -8.47
N ASN B 613 3.87 -20.31 -8.61
CA ASN B 613 4.69 -20.03 -7.43
C ASN B 613 4.04 -18.98 -6.54
N THR B 614 3.51 -17.91 -7.13
CA THR B 614 2.80 -16.91 -6.34
C THR B 614 1.58 -17.51 -5.66
N ILE B 615 0.79 -18.29 -6.41
CA ILE B 615 -0.46 -18.82 -5.88
C ILE B 615 -0.19 -19.84 -4.77
N GLN B 616 0.82 -20.70 -4.95
CA GLN B 616 1.07 -21.75 -3.98
C GLN B 616 1.51 -21.18 -2.63
N ASP B 617 2.26 -20.07 -2.63
CA ASP B 617 2.77 -19.54 -1.39
C ASP B 617 1.74 -18.70 -0.64
N ILE B 618 0.83 -18.03 -1.36
CA ILE B 618 -0.25 -17.32 -0.68
C ILE B 618 -1.11 -18.30 0.11
N ASN B 619 -1.52 -19.39 -0.54
CA ASN B 619 -2.44 -20.32 0.09
C ASN B 619 -1.79 -21.05 1.26
N ARG B 620 -0.51 -21.38 1.16
CA ARG B 620 0.15 -22.11 2.23
C ARG B 620 0.57 -21.20 3.37
N LYS B 621 0.92 -19.95 3.09
CA LYS B 621 1.26 -19.01 4.16
C LYS B 621 0.03 -18.58 4.93
N PHE B 622 -1.15 -18.59 4.30
CA PHE B 622 -2.38 -18.16 4.93
C PHE B 622 -3.38 -19.30 5.10
N GLU B 623 -2.95 -20.54 4.86
CA GLU B 623 -3.74 -21.74 5.18
C GLU B 623 -5.12 -21.72 4.50
N VAL B 624 -5.15 -21.32 3.23
CA VAL B 624 -6.40 -21.33 2.49
C VAL B 624 -6.83 -22.77 2.25
N ASN B 625 -8.09 -23.07 2.56
CA ASN B 625 -8.59 -24.45 2.52
C ASN B 625 -10.00 -24.44 1.97
N GLU B 626 -10.74 -25.53 2.22
CA GLU B 626 -12.07 -25.69 1.65
C GLU B 626 -13.07 -24.72 2.26
N GLU B 627 -12.92 -24.38 3.54
CA GLU B 627 -13.87 -23.50 4.21
C GLU B 627 -13.79 -22.06 3.74
N ASP B 628 -12.77 -21.70 2.99
CA ASP B 628 -12.61 -20.32 2.55
C ASP B 628 -13.56 -19.99 1.41
N ARG B 629 -13.89 -18.71 1.29
CA ARG B 629 -14.76 -18.20 0.24
C ARG B 629 -14.22 -16.87 -0.22
N ILE B 630 -13.83 -16.79 -1.49
CA ILE B 630 -13.16 -15.62 -2.06
C ILE B 630 -14.18 -14.82 -2.86
N ILE B 631 -14.24 -13.52 -2.59
CA ILE B 631 -15.15 -12.63 -3.32
C ILE B 631 -14.42 -12.10 -4.55
N GLY B 632 -14.98 -12.37 -5.73
CA GLY B 632 -14.34 -12.00 -6.98
C GLY B 632 -14.66 -10.59 -7.42
N ILE B 633 -13.93 -9.62 -6.89
CA ILE B 633 -14.19 -8.22 -7.18
C ILE B 633 -13.37 -7.73 -8.37
N SER B 634 -12.09 -8.08 -8.41
CA SER B 634 -11.22 -7.57 -9.46
C SER B 634 -11.61 -8.13 -10.82
N SER B 635 -11.60 -7.26 -11.83
CA SER B 635 -11.87 -7.69 -13.19
C SER B 635 -10.77 -8.63 -13.67
N MET B 636 -11.14 -9.54 -14.58
CA MET B 636 -10.20 -10.55 -15.05
C MET B 636 -9.16 -10.00 -16.01
N CYS B 637 -9.34 -8.79 -16.52
CA CYS B 637 -8.31 -8.13 -17.30
C CYS B 637 -7.18 -7.58 -16.43
N PHE B 638 -7.32 -7.65 -15.11
CA PHE B 638 -6.29 -7.27 -14.17
C PHE B 638 -5.72 -8.52 -13.52
N ASP B 639 -4.39 -8.61 -13.48
CA ASP B 639 -3.72 -9.85 -13.07
C ASP B 639 -4.12 -10.31 -11.67
N LEU B 640 -4.67 -9.42 -10.85
CA LEU B 640 -5.07 -9.78 -9.50
C LEU B 640 -6.07 -10.92 -9.50
N SER B 641 -6.96 -10.94 -10.51
CA SER B 641 -8.01 -11.94 -10.57
C SER B 641 -7.48 -13.37 -10.65
N VAL B 642 -6.23 -13.54 -11.11
CA VAL B 642 -5.69 -14.89 -11.28
C VAL B 642 -5.66 -15.63 -9.94
N TYR B 643 -5.38 -14.92 -8.85
CA TYR B 643 -5.47 -15.57 -7.55
C TYR B 643 -6.92 -15.83 -7.16
N ASP B 644 -7.82 -14.91 -7.50
CA ASP B 644 -9.23 -15.11 -7.18
C ASP B 644 -9.80 -16.34 -7.90
N ILE B 645 -9.25 -16.68 -9.06
CA ILE B 645 -9.74 -17.82 -9.83
C ILE B 645 -8.91 -19.06 -9.53
N PHE B 646 -7.61 -18.97 -9.79
CA PHE B 646 -6.75 -20.15 -9.71
C PHE B 646 -6.20 -20.40 -8.30
N GLY B 647 -5.83 -19.34 -7.59
CA GLY B 647 -5.42 -19.52 -6.20
C GLY B 647 -6.54 -20.07 -5.34
N THR B 648 -7.78 -19.66 -5.63
CA THR B 648 -8.93 -20.21 -4.92
C THR B 648 -9.10 -21.69 -5.22
N LEU B 649 -8.96 -22.08 -6.48
CA LEU B 649 -9.24 -23.46 -6.88
C LEU B 649 -8.16 -24.42 -6.36
N SER B 650 -6.90 -23.97 -6.34
CA SER B 650 -5.80 -24.84 -5.93
C SER B 650 -5.90 -25.25 -4.47
N ALA B 651 -6.75 -24.60 -3.68
CA ALA B 651 -6.92 -24.94 -2.27
C ALA B 651 -8.27 -25.55 -1.96
N GLY B 652 -9.13 -25.75 -2.96
CA GLY B 652 -10.45 -26.28 -2.71
C GLY B 652 -11.44 -25.27 -2.20
N ALA B 653 -11.16 -23.98 -2.35
CA ALA B 653 -12.04 -22.93 -1.87
C ALA B 653 -13.06 -22.55 -2.93
N THR B 654 -14.01 -21.71 -2.54
CA THR B 654 -15.10 -21.28 -3.40
C THR B 654 -14.90 -19.84 -3.84
N LEU B 655 -15.16 -19.58 -5.13
CA LEU B 655 -15.05 -18.24 -5.69
C LEU B 655 -16.45 -17.68 -5.93
N VAL B 656 -16.72 -16.50 -5.38
CA VAL B 656 -17.99 -15.82 -5.55
C VAL B 656 -17.76 -14.64 -6.49
N MET B 657 -18.45 -14.64 -7.62
CA MET B 657 -18.28 -13.60 -8.62
C MET B 657 -19.21 -12.44 -8.36
N ILE B 658 -18.76 -11.24 -8.74
CA ILE B 658 -19.47 -10.00 -8.48
C ILE B 658 -19.96 -9.43 -9.81
N ARG B 659 -21.25 -9.09 -9.86
CA ARG B 659 -21.83 -8.55 -11.09
C ARG B 659 -21.27 -7.16 -11.40
N ASP B 660 -21.22 -6.29 -10.40
CA ASP B 660 -20.76 -4.92 -10.59
C ASP B 660 -19.72 -4.60 -9.52
N PRO B 661 -18.47 -4.34 -9.90
CA PRO B 661 -17.43 -4.05 -8.88
C PRO B 661 -17.51 -2.65 -8.30
N ARG B 662 -18.25 -1.74 -8.92
CA ARG B 662 -18.40 -0.39 -8.40
C ARG B 662 -19.70 -0.18 -7.63
N ASP B 663 -20.40 -1.26 -7.32
CA ASP B 663 -21.58 -1.23 -6.45
C ASP B 663 -21.09 -1.60 -5.05
N MET B 664 -20.63 -0.60 -4.31
CA MET B 664 -20.04 -0.85 -3.00
C MET B 664 -21.05 -1.41 -2.01
N ARG B 665 -22.32 -1.01 -2.11
CA ARG B 665 -23.33 -1.52 -1.20
C ARG B 665 -23.58 -3.00 -1.42
N GLU B 666 -23.52 -3.45 -2.68
CA GLU B 666 -23.68 -4.87 -2.96
C GLU B 666 -22.47 -5.68 -2.50
N LEU B 667 -21.27 -5.10 -2.56
CA LEU B 667 -20.09 -5.78 -2.06
C LEU B 667 -20.21 -6.06 -0.56
N VAL B 668 -20.78 -5.12 0.19
CA VAL B 668 -20.95 -5.31 1.63
C VAL B 668 -21.94 -6.43 1.91
N ARG B 669 -23.10 -6.40 1.23
CA ARG B 669 -24.11 -7.43 1.44
C ARG B 669 -23.59 -8.81 1.04
N THR B 670 -22.80 -8.87 -0.03
CA THR B 670 -22.28 -10.16 -0.50
C THR B 670 -21.36 -10.80 0.54
N VAL B 671 -20.54 -9.98 1.20
CA VAL B 671 -19.63 -10.52 2.21
C VAL B 671 -20.40 -11.12 3.38
N GLU B 672 -21.47 -10.45 3.80
CA GLU B 672 -22.26 -10.95 4.92
C GLU B 672 -23.18 -12.10 4.51
N ARG B 673 -23.78 -12.00 3.33
CA ARG B 673 -24.76 -13.01 2.91
C ARG B 673 -24.11 -14.36 2.65
N ARG B 674 -22.97 -14.38 1.95
CA ARG B 674 -22.36 -15.61 1.50
C ARG B 674 -21.13 -16.00 2.32
N GLY B 675 -20.93 -15.40 3.49
CA GLY B 675 -19.84 -15.75 4.38
C GLY B 675 -18.48 -15.67 3.73
N ILE B 676 -18.19 -14.57 3.05
CA ILE B 676 -16.90 -14.39 2.40
C ILE B 676 -15.79 -14.36 3.45
N THR B 677 -14.71 -15.09 3.18
CA THR B 677 -13.58 -15.16 4.09
C THR B 677 -12.34 -14.46 3.59
N ILE B 678 -12.16 -14.33 2.28
CA ILE B 678 -10.97 -13.72 1.70
C ILE B 678 -11.38 -12.50 0.89
N TRP B 679 -10.67 -11.40 1.09
CA TRP B 679 -10.84 -10.17 0.32
C TRP B 679 -9.53 -9.86 -0.36
N ASN B 680 -9.57 -9.69 -1.69
CA ASN B 680 -8.35 -9.51 -2.49
C ASN B 680 -8.63 -8.46 -3.57
N THR B 681 -8.37 -7.19 -3.23
CA THR B 681 -8.59 -6.09 -4.13
C THR B 681 -7.45 -5.09 -4.03
N VAL B 682 -7.54 -4.03 -4.82
CA VAL B 682 -6.73 -2.83 -4.57
C VAL B 682 -7.26 -2.14 -3.31
N PRO B 683 -6.39 -1.63 -2.43
CA PRO B 683 -6.88 -1.01 -1.19
C PRO B 683 -7.91 0.09 -1.40
N ALA B 684 -7.98 0.64 -2.62
CA ALA B 684 -8.98 1.65 -2.92
C ALA B 684 -10.39 1.08 -2.81
N ILE B 685 -10.58 -0.19 -3.16
CA ILE B 685 -11.91 -0.79 -3.08
C ILE B 685 -12.35 -0.92 -1.62
N MET B 686 -11.44 -1.36 -0.74
CA MET B 686 -11.79 -1.53 0.66
C MET B 686 -12.06 -0.18 1.32
N ASP B 687 -11.25 0.84 1.01
CA ASP B 687 -11.44 2.14 1.63
C ASP B 687 -12.74 2.79 1.16
N LEU B 688 -13.07 2.65 -0.13
CA LEU B 688 -14.33 3.18 -0.62
C LEU B 688 -15.52 2.42 -0.07
N ALA B 689 -15.38 1.09 0.09
CA ALA B 689 -16.48 0.29 0.59
C ALA B 689 -16.77 0.59 2.05
N LEU B 690 -15.72 0.73 2.87
CA LEU B 690 -15.91 1.02 4.29
C LEU B 690 -16.43 2.43 4.53
N ASP B 691 -16.49 3.27 3.50
CA ASP B 691 -17.17 4.56 3.59
C ASP B 691 -18.65 4.46 3.25
N HIS B 692 -19.11 3.28 2.83
CA HIS B 692 -20.54 2.98 2.74
C HIS B 692 -21.00 2.09 3.89
N VAL B 693 -20.30 2.16 5.01
CA VAL B 693 -20.47 1.25 6.14
C VAL B 693 -20.80 2.06 7.38
N GLY B 694 -21.85 1.67 8.09
CA GLY B 694 -22.23 2.35 9.32
C GLY B 694 -21.19 2.20 10.41
N SER B 695 -21.34 3.05 11.44
CA SER B 695 -20.38 3.06 12.52
C SER B 695 -20.51 1.87 13.45
N HIS B 696 -21.64 1.14 13.39
CA HIS B 696 -21.87 -0.01 14.26
C HIS B 696 -21.82 -1.33 13.51
N PHE B 697 -21.18 -1.37 12.35
CA PHE B 697 -21.09 -2.59 11.55
C PHE B 697 -19.90 -3.43 12.02
N GLU B 698 -20.07 -4.74 11.93
CA GLU B 698 -19.03 -5.67 12.36
C GLU B 698 -19.26 -7.01 11.66
N ASN B 699 -18.20 -7.55 11.06
CA ASN B 699 -18.24 -8.82 10.35
C ASN B 699 -17.11 -9.71 10.83
N ILE B 700 -17.39 -11.00 10.99
CA ILE B 700 -16.42 -11.96 11.51
C ILE B 700 -16.16 -13.09 10.52
N SER B 701 -16.72 -13.02 9.32
CA SER B 701 -16.45 -14.06 8.33
C SER B 701 -15.16 -13.81 7.57
N LEU B 702 -14.82 -12.55 7.34
CA LEU B 702 -13.60 -12.19 6.61
C LEU B 702 -12.38 -12.45 7.49
N ARG B 703 -11.46 -13.28 7.01
CA ARG B 703 -10.28 -13.65 7.78
C ARG B 703 -8.96 -13.27 7.12
N LEU B 704 -8.97 -12.78 5.88
CA LEU B 704 -7.73 -12.42 5.19
C LEU B 704 -8.02 -11.32 4.19
N VAL B 705 -7.29 -10.21 4.29
CA VAL B 705 -7.43 -9.08 3.39
C VAL B 705 -6.09 -8.87 2.69
N LEU B 706 -6.08 -9.05 1.37
CA LEU B 706 -4.88 -8.90 0.56
C LEU B 706 -5.00 -7.62 -0.25
N LEU B 707 -4.16 -6.63 0.07
CA LEU B 707 -4.22 -5.31 -0.54
C LEU B 707 -2.98 -5.08 -1.38
N SER B 708 -3.18 -4.63 -2.63
CA SER B 708 -2.09 -4.36 -3.55
C SER B 708 -2.63 -3.51 -4.69
N GLY B 709 -1.77 -2.68 -5.25
CA GLY B 709 -2.19 -1.73 -6.25
C GLY B 709 -2.27 -0.32 -5.69
N ASP B 710 -1.51 0.61 -6.27
CA ASP B 710 -1.48 2.00 -5.83
C ASP B 710 -0.95 2.09 -4.40
N TRP B 711 -0.92 3.29 -3.83
CA TRP B 711 -0.48 3.47 -2.45
C TRP B 711 -1.43 2.75 -1.50
N ILE B 712 -0.99 2.64 -0.25
CA ILE B 712 -1.79 2.02 0.81
C ILE B 712 -1.99 3.07 1.91
N PRO B 713 -3.19 3.66 1.97
CA PRO B 713 -3.41 4.76 2.93
C PRO B 713 -3.28 4.31 4.37
N LEU B 714 -2.87 5.25 5.23
CA LEU B 714 -2.69 5.00 6.66
C LEU B 714 -4.03 4.86 7.40
N PRO B 715 -5.03 5.73 7.16
CA PRO B 715 -6.31 5.55 7.86
C PRO B 715 -7.06 4.28 7.49
N LEU B 716 -6.62 3.54 6.46
CA LEU B 716 -7.39 2.37 6.03
C LEU B 716 -7.25 1.19 6.98
N PRO B 717 -6.04 0.78 7.42
CA PRO B 717 -5.97 -0.32 8.39
C PRO B 717 -6.76 -0.06 9.66
N ALA B 718 -6.95 1.20 10.03
CA ALA B 718 -7.81 1.51 11.17
C ALA B 718 -9.27 1.16 10.88
N LYS B 719 -9.73 1.43 9.65
CA LYS B 719 -11.08 1.06 9.28
C LYS B 719 -11.23 -0.47 9.19
N ILE B 720 -10.24 -1.14 8.62
CA ILE B 720 -10.32 -2.58 8.43
C ILE B 720 -10.36 -3.29 9.78
N ASN B 721 -9.53 -2.84 10.73
CA ASN B 721 -9.44 -3.51 12.01
C ASN B 721 -10.69 -3.30 12.85
N ARG B 722 -11.41 -2.20 12.65
CA ARG B 722 -12.58 -1.91 13.46
C ARG B 722 -13.84 -2.60 12.96
N HIS B 723 -13.94 -2.83 11.65
CA HIS B 723 -15.11 -3.50 11.08
C HIS B 723 -14.92 -4.99 10.91
N PHE B 724 -13.69 -5.44 10.63
CA PHE B 724 -13.36 -6.86 10.54
C PHE B 724 -12.31 -7.16 11.61
N PRO B 725 -12.72 -7.26 12.88
CA PRO B 725 -11.72 -7.43 13.95
C PRO B 725 -10.99 -8.78 13.93
N VAL B 726 -11.38 -9.69 13.04
CA VAL B 726 -10.74 -10.99 12.92
C VAL B 726 -9.94 -11.12 11.64
N ALA B 727 -9.94 -10.11 10.78
CA ALA B 727 -9.28 -10.19 9.49
C ALA B 727 -7.78 -9.93 9.64
N ASP B 728 -6.97 -10.81 9.06
CA ASP B 728 -5.53 -10.61 8.98
C ASP B 728 -5.25 -9.81 7.72
N VAL B 729 -5.05 -8.50 7.88
CA VAL B 729 -4.79 -7.62 6.74
C VAL B 729 -3.31 -7.66 6.40
N ILE B 730 -3.00 -7.76 5.11
CA ILE B 730 -1.65 -7.96 4.62
C ILE B 730 -1.32 -6.86 3.61
N SER B 731 -0.19 -6.18 3.81
CA SER B 731 0.26 -5.11 2.90
C SER B 731 1.31 -5.62 1.91
N LEU B 732 0.92 -5.68 0.64
CA LEU B 732 1.72 -6.36 -0.37
C LEU B 732 1.55 -5.67 -1.72
N GLY B 733 2.06 -6.32 -2.76
CA GLY B 733 2.12 -5.79 -4.11
C GLY B 733 3.35 -6.34 -4.82
N GLY B 734 3.20 -6.84 -6.04
CA GLY B 734 4.31 -7.55 -6.64
C GLY B 734 4.59 -7.30 -8.11
N ALA B 735 3.98 -6.25 -8.67
CA ALA B 735 4.18 -5.83 -10.05
C ALA B 735 3.68 -6.87 -11.06
N THR B 736 2.74 -6.48 -11.93
CA THR B 736 2.20 -7.41 -12.93
C THR B 736 3.30 -7.98 -13.81
N GLU B 737 4.40 -7.25 -14.00
CA GLU B 737 5.49 -7.74 -14.81
C GLU B 737 6.15 -8.97 -14.23
N ALA B 738 5.87 -9.29 -12.98
CA ALA B 738 6.23 -10.58 -12.41
C ALA B 738 4.94 -11.33 -12.11
N SER B 739 5.07 -12.52 -11.52
CA SER B 739 3.89 -13.27 -11.13
C SER B 739 3.38 -12.10 -10.31
N ILE B 740 2.26 -11.50 -10.74
CA ILE B 740 1.26 -10.71 -10.01
C ILE B 740 1.84 -10.15 -8.71
N TRP B 741 2.22 -11.03 -7.79
CA TRP B 741 2.74 -10.64 -6.48
C TRP B 741 4.17 -11.12 -6.30
N SER B 742 4.88 -10.45 -5.38
CA SER B 742 6.29 -10.70 -5.20
C SER B 742 6.73 -10.35 -3.79
N ILE B 743 5.98 -9.47 -3.14
CA ILE B 743 6.30 -8.97 -1.81
C ILE B 743 5.28 -9.53 -0.84
N TYR B 744 5.73 -9.93 0.35
CA TYR B 744 4.88 -10.45 1.42
C TYR B 744 5.21 -9.73 2.72
N TRP B 745 4.21 -9.07 3.29
CA TRP B 745 4.35 -8.37 4.58
C TRP B 745 2.99 -8.28 5.24
N PRO B 746 2.72 -9.11 6.24
CA PRO B 746 1.50 -8.94 7.02
C PRO B 746 1.58 -7.67 7.83
N ILE B 747 0.44 -6.98 7.93
CA ILE B 747 0.32 -5.96 8.96
C ILE B 747 0.67 -6.82 10.16
N GLU B 748 1.81 -6.51 10.78
CA GLU B 748 2.24 -7.14 12.02
C GLU B 748 1.78 -6.26 13.18
N GLN B 749 0.46 -6.21 13.31
CA GLN B 749 -0.25 -5.31 14.22
C GLN B 749 0.20 -3.89 13.84
N VAL B 750 0.29 -3.03 14.84
CA VAL B 750 0.87 -1.70 14.62
C VAL B 750 1.49 -1.24 15.93
N GLU B 751 2.82 -1.21 15.96
CA GLU B 751 3.62 -0.61 17.03
C GLU B 751 4.43 0.55 16.46
N ALA B 752 4.11 0.98 15.26
CA ALA B 752 4.89 2.00 14.57
C ALA B 752 3.98 2.83 13.68
N ASN B 753 4.08 4.15 13.82
CA ASN B 753 3.26 5.07 13.04
C ASN B 753 4.10 6.30 12.69
N TRP B 754 4.31 6.52 11.39
CA TRP B 754 5.01 7.71 10.91
C TRP B 754 4.25 8.37 9.78
N LYS B 755 4.71 8.17 8.54
CA LYS B 755 4.09 8.76 7.37
C LYS B 755 3.88 7.78 6.21
N SER B 756 4.43 6.57 6.28
CA SER B 756 4.34 5.64 5.17
C SER B 756 4.19 4.22 5.69
N ILE B 757 3.72 3.34 4.81
CA ILE B 757 3.59 1.91 5.10
C ILE B 757 4.62 1.16 4.26
N PRO B 758 5.46 0.33 4.87
CA PRO B 758 6.53 -0.32 4.11
C PRO B 758 5.99 -1.45 3.24
N TYR B 759 6.73 -1.71 2.16
CA TYR B 759 6.36 -2.73 1.18
C TYR B 759 6.45 -4.12 1.79
N GLY B 760 7.66 -4.59 2.08
CA GLY B 760 7.86 -5.84 2.76
C GLY B 760 9.02 -6.61 2.15
N LYS B 761 9.08 -7.90 2.50
CA LYS B 761 10.09 -8.82 2.00
C LYS B 761 9.57 -9.56 0.78
N PRO B 762 10.45 -10.20 0.00
CA PRO B 762 9.98 -11.00 -1.14
C PRO B 762 9.03 -12.09 -0.68
N LEU B 763 7.99 -12.32 -1.49
CA LEU B 763 6.96 -13.30 -1.17
C LEU B 763 7.58 -14.69 -1.03
N ALA B 764 8.09 -15.24 -2.12
CA ALA B 764 8.82 -16.50 -2.11
C ALA B 764 9.39 -16.73 -3.51
N ASN B 765 10.56 -17.37 -3.55
CA ASN B 765 11.27 -17.63 -4.80
C ASN B 765 11.52 -16.36 -5.60
N GLN B 766 11.58 -15.22 -4.92
CA GLN B 766 11.80 -13.93 -5.57
C GLN B 766 12.79 -13.13 -4.74
N THR B 767 13.38 -12.12 -5.36
CA THR B 767 14.40 -11.29 -4.74
C THR B 767 14.12 -9.82 -5.03
N TYR B 768 14.67 -8.96 -4.19
CA TYR B 768 14.50 -7.51 -4.32
C TYR B 768 15.85 -6.82 -4.16
N TYR B 769 16.01 -5.71 -4.87
CA TYR B 769 17.25 -4.95 -4.89
C TYR B 769 16.96 -3.47 -4.99
N VAL B 770 17.77 -2.67 -4.31
CA VAL B 770 17.79 -1.21 -4.47
C VAL B 770 19.11 -0.88 -5.14
N LEU B 771 19.07 -0.59 -6.44
CA LEU B 771 20.27 -0.50 -7.26
C LEU B 771 20.57 0.93 -7.67
N ASN B 772 21.84 1.19 -7.93
CA ASN B 772 22.32 2.49 -8.36
C ASN B 772 22.45 2.50 -9.89
N TYR B 773 23.32 3.37 -10.42
CA TYR B 773 23.46 3.50 -11.87
C TYR B 773 24.29 2.39 -12.49
N ASP B 774 25.18 1.76 -11.74
CA ASP B 774 25.94 0.62 -12.22
C ASP B 774 25.34 -0.71 -11.76
N GLN B 775 24.05 -0.70 -11.40
CA GLN B 775 23.33 -1.91 -11.00
C GLN B 775 23.99 -2.61 -9.81
N LYS B 776 24.37 -1.82 -8.81
CA LYS B 776 24.94 -2.34 -7.58
C LYS B 776 24.09 -1.89 -6.39
N MET B 777 24.12 -2.69 -5.33
CA MET B 777 23.23 -2.49 -4.21
C MET B 777 23.56 -1.20 -3.46
N CYS B 778 22.53 -0.41 -3.17
CA CYS B 778 22.71 0.81 -2.39
C CYS B 778 23.02 0.45 -0.95
N PRO B 779 24.06 1.01 -0.35
CA PRO B 779 24.46 0.58 0.99
C PRO B 779 23.52 1.06 2.08
N VAL B 780 23.46 0.29 3.17
CA VAL B 780 22.66 0.52 4.37
C VAL B 780 21.37 1.26 4.06
N GLY B 781 20.74 0.89 2.94
CA GLY B 781 19.53 1.57 2.44
C GLY B 781 19.84 2.29 1.14
N VAL B 782 19.85 3.63 1.17
CA VAL B 782 20.14 4.57 0.03
C VAL B 782 19.01 4.52 -1.01
N ILE B 783 18.15 5.53 -1.04
CA ILE B 783 17.02 5.46 -1.97
C ILE B 783 17.59 5.29 -3.38
N GLY B 784 16.91 4.41 -4.12
CA GLY B 784 17.33 4.11 -5.48
C GLY B 784 16.22 3.40 -6.23
N ASP B 785 16.57 2.92 -7.42
CA ASP B 785 15.63 2.19 -8.25
C ASP B 785 15.39 0.80 -7.69
N LEU B 786 14.20 0.27 -7.92
CA LEU B 786 13.77 -1.02 -7.40
C LEU B 786 13.79 -2.06 -8.49
N TYR B 787 14.47 -3.18 -8.23
CA TYR B 787 14.56 -4.30 -9.16
C TYR B 787 14.09 -5.57 -8.47
N ILE B 788 13.57 -6.51 -9.25
CA ILE B 788 13.09 -7.78 -8.74
C ILE B 788 13.65 -8.91 -9.58
N GLY B 789 13.76 -10.09 -8.97
CA GLY B 789 14.20 -11.28 -9.68
C GLY B 789 13.56 -12.50 -9.05
N GLY B 790 13.79 -13.64 -9.68
CA GLY B 790 13.31 -14.92 -9.17
C GLY B 790 12.38 -15.61 -10.14
N ALA B 791 11.68 -16.62 -9.63
CA ALA B 791 10.80 -17.45 -10.44
C ALA B 791 9.54 -16.72 -10.88
N GLY B 792 9.22 -15.57 -10.28
CA GLY B 792 8.03 -14.84 -10.67
C GLY B 792 8.16 -14.01 -11.92
N LEU B 793 9.39 -13.78 -12.39
CA LEU B 793 9.62 -12.90 -13.53
C LEU B 793 8.89 -13.41 -14.77
N ALA B 794 8.36 -12.46 -15.54
CA ALA B 794 7.67 -12.79 -16.78
C ALA B 794 8.68 -13.13 -17.88
N GLN B 795 8.16 -13.69 -18.97
CA GLN B 795 9.01 -13.97 -20.11
C GLN B 795 9.40 -12.68 -20.84
N GLY B 796 8.51 -11.70 -20.86
CA GLY B 796 8.78 -10.43 -21.50
C GLY B 796 7.51 -9.83 -22.04
N TYR B 797 7.67 -8.75 -22.79
CA TYR B 797 6.55 -8.08 -23.44
C TYR B 797 6.27 -8.73 -24.79
N LEU B 798 4.99 -8.92 -25.09
CA LEU B 798 4.57 -9.61 -26.30
C LEU B 798 4.75 -8.70 -27.51
N ASN B 799 5.66 -9.10 -28.41
CA ASN B 799 5.87 -8.40 -29.68
C ASN B 799 6.37 -6.97 -29.48
N ASP B 800 7.20 -6.78 -28.45
CA ASP B 800 7.87 -5.49 -28.23
C ASP B 800 9.26 -5.82 -27.67
N ASP B 801 10.27 -5.79 -28.54
CA ASP B 801 11.63 -6.11 -28.14
C ASP B 801 12.30 -4.94 -27.42
N GLN B 802 11.96 -3.71 -27.80
CA GLN B 802 12.62 -2.55 -27.21
C GLN B 802 12.29 -2.43 -25.72
N LYS B 803 11.00 -2.58 -25.38
CA LYS B 803 10.61 -2.52 -23.97
C LYS B 803 11.13 -3.72 -23.20
N THR B 804 11.16 -4.90 -23.84
CA THR B 804 11.64 -6.10 -23.17
C THR B 804 13.13 -6.02 -22.87
N LYS B 805 13.92 -5.53 -23.83
CA LYS B 805 15.36 -5.42 -23.62
C LYS B 805 15.70 -4.41 -22.53
N ASP B 806 14.90 -3.36 -22.40
CA ASP B 806 15.16 -2.33 -21.38
C ASP B 806 14.67 -2.78 -20.01
N ALA B 807 13.53 -3.48 -19.95
CA ALA B 807 12.93 -3.82 -18.67
C ALA B 807 13.53 -5.09 -18.08
N PHE B 808 13.72 -6.12 -18.91
CA PHE B 808 14.25 -7.40 -18.45
C PHE B 808 15.73 -7.46 -18.82
N ILE B 809 16.59 -7.41 -17.81
CA ILE B 809 18.04 -7.35 -18.01
C ILE B 809 18.70 -8.46 -17.20
N MET B 810 20.01 -8.59 -17.41
CA MET B 810 20.82 -9.61 -16.78
C MET B 810 21.68 -8.99 -15.70
N HIS B 811 21.71 -9.62 -14.52
CA HIS B 811 22.43 -9.10 -13.36
C HIS B 811 23.85 -9.64 -13.29
N PRO B 812 24.84 -8.79 -13.00
CA PRO B 812 26.24 -9.23 -13.04
C PRO B 812 26.57 -10.35 -12.08
N GLU B 813 25.87 -10.46 -10.95
CA GLU B 813 26.17 -11.47 -9.94
C GLU B 813 25.02 -12.43 -9.66
N PHE B 814 23.90 -12.31 -10.38
CA PHE B 814 22.69 -13.05 -10.06
C PHE B 814 21.93 -13.31 -11.35
N GLY B 815 20.90 -14.16 -11.26
CA GLY B 815 20.02 -14.45 -12.35
C GLY B 815 19.35 -13.22 -12.94
N PRO B 816 18.45 -13.43 -13.90
CA PRO B 816 17.80 -12.29 -14.56
C PRO B 816 16.98 -11.48 -13.56
N ILE B 817 16.81 -10.19 -13.89
CA ILE B 817 16.06 -9.26 -13.05
C ILE B 817 15.20 -8.37 -13.95
N TYR B 818 14.21 -7.74 -13.32
CA TYR B 818 13.32 -6.81 -14.00
C TYR B 818 13.34 -5.46 -13.28
N LYS B 819 13.36 -4.38 -14.05
CA LYS B 819 13.36 -3.03 -13.50
C LYS B 819 11.92 -2.57 -13.33
N THR B 820 11.47 -2.47 -12.08
CA THR B 820 10.10 -2.05 -11.82
C THR B 820 9.88 -0.58 -12.15
N GLY B 821 10.94 0.24 -12.08
CA GLY B 821 10.80 1.66 -12.22
C GLY B 821 10.42 2.39 -10.95
N ASP B 822 9.99 1.67 -9.92
CA ASP B 822 9.66 2.29 -8.64
C ASP B 822 10.93 2.65 -7.89
N CYS B 823 10.79 3.61 -6.97
CA CYS B 823 11.89 4.04 -6.12
C CYS B 823 11.61 3.66 -4.68
N GLY B 824 12.67 3.33 -3.95
CA GLY B 824 12.52 2.93 -2.57
C GLY B 824 13.86 2.74 -1.91
N ARG B 825 13.80 2.29 -0.66
CA ARG B 825 14.99 2.09 0.16
C ARG B 825 14.76 0.90 1.08
N MET B 826 15.85 0.22 1.41
CA MET B 826 15.81 -0.88 2.38
C MET B 826 15.96 -0.30 3.78
N ARG B 827 14.92 -0.43 4.60
CA ARG B 827 15.01 0.00 5.97
C ARG B 827 15.96 -0.92 6.74
N PRO B 828 16.64 -0.40 7.77
CA PRO B 828 17.48 -1.27 8.61
C PRO B 828 16.71 -2.37 9.31
N GLU B 829 15.38 -2.28 9.36
CA GLU B 829 14.54 -3.29 9.96
C GLU B 829 14.33 -4.50 9.07
N GLY B 830 14.87 -4.49 7.84
CA GLY B 830 14.75 -5.60 6.94
C GLY B 830 13.70 -5.42 5.86
N TYR B 831 12.81 -4.45 5.99
CA TYR B 831 11.76 -4.21 5.03
C TYR B 831 12.12 -3.06 4.11
N ILE B 832 11.60 -3.10 2.88
CA ILE B 832 11.82 -2.06 1.89
C ILE B 832 10.63 -1.12 1.90
N GLU B 833 10.89 0.18 1.90
CA GLU B 833 9.85 1.20 1.94
C GLU B 833 9.66 1.80 0.56
N PHE B 834 8.40 2.03 0.20
CA PHE B 834 8.06 2.59 -1.11
C PHE B 834 8.19 4.10 -1.08
N LEU B 835 8.99 4.65 -2.00
CA LEU B 835 9.32 6.07 -2.03
C LEU B 835 8.81 6.75 -3.31
N GLY B 836 7.75 6.21 -3.89
CA GLY B 836 7.24 6.74 -5.14
C GLY B 836 7.80 6.01 -6.34
N ARG B 837 7.56 6.60 -7.52
CA ARG B 837 7.98 5.96 -8.75
C ARG B 837 8.61 6.94 -9.74
N GLN B 838 7.77 7.65 -10.49
CA GLN B 838 8.22 8.40 -11.65
C GLN B 838 8.77 9.76 -11.23
N ASP B 839 10.02 10.04 -11.59
CA ASP B 839 10.60 11.36 -11.42
C ASP B 839 10.43 12.17 -12.70
N TYR B 840 10.63 13.47 -12.59
CA TYR B 840 10.44 14.37 -13.72
C TYR B 840 11.59 15.36 -13.87
N VAL B 945 -22.11 28.71 -11.98
CA VAL B 945 -23.19 29.60 -11.56
C VAL B 945 -23.56 29.34 -10.10
N ALA B 946 -24.86 29.25 -9.82
CA ALA B 946 -25.36 29.05 -8.47
C ALA B 946 -26.35 27.90 -8.43
N PRO B 947 -26.37 27.13 -7.35
CA PRO B 947 -27.36 26.06 -7.22
C PRO B 947 -28.77 26.63 -7.10
N GLN B 948 -29.74 25.80 -7.49
CA GLN B 948 -31.14 26.19 -7.49
C GLN B 948 -31.95 25.54 -6.38
N ALA B 949 -31.31 24.76 -5.49
CA ALA B 949 -32.00 24.11 -4.40
C ALA B 949 -31.01 23.78 -3.31
N GLY B 950 -31.54 23.58 -2.10
CA GLY B 950 -30.67 23.18 -0.99
C GLY B 950 -30.03 21.83 -1.21
N LEU B 951 -30.76 20.90 -1.84
CA LEU B 951 -30.19 19.60 -2.17
C LEU B 951 -29.12 19.72 -3.24
N GLU B 952 -29.34 20.59 -4.23
CA GLU B 952 -28.34 20.81 -5.27
C GLU B 952 -27.08 21.45 -4.68
N LYS B 953 -27.25 22.34 -3.71
CA LYS B 953 -26.09 22.96 -3.06
C LYS B 953 -25.30 21.93 -2.24
N ILE B 954 -26.00 21.05 -1.54
CA ILE B 954 -25.32 20.00 -0.78
C ILE B 954 -24.56 19.08 -1.73
N LEU B 955 -25.18 18.69 -2.84
CA LEU B 955 -24.51 17.82 -3.80
C LEU B 955 -23.34 18.54 -4.47
N ALA B 956 -23.51 19.82 -4.78
CA ALA B 956 -22.39 20.59 -5.34
C ALA B 956 -21.26 20.68 -4.33
N SER B 957 -21.58 20.84 -3.05
CA SER B 957 -20.54 20.93 -2.02
C SER B 957 -19.71 19.66 -1.95
N VAL B 958 -20.35 18.51 -2.13
CA VAL B 958 -19.61 17.25 -2.13
C VAL B 958 -18.73 17.16 -3.37
N TRP B 959 -19.26 17.56 -4.53
CA TRP B 959 -18.43 17.67 -5.73
C TRP B 959 -17.30 18.67 -5.53
N GLN B 960 -17.53 19.71 -4.73
CA GLN B 960 -16.50 20.72 -4.50
C GLN B 960 -15.35 20.19 -3.67
N GLU B 961 -15.65 19.40 -2.63
CA GLU B 961 -14.59 18.90 -1.76
C GLU B 961 -13.84 17.73 -2.38
N VAL B 962 -14.51 16.94 -3.23
CA VAL B 962 -13.85 15.80 -3.86
C VAL B 962 -13.05 16.25 -5.08
N LEU B 963 -13.62 17.15 -5.88
CA LEU B 963 -12.98 17.60 -7.11
C LEU B 963 -12.23 18.92 -6.97
N ASN B 964 -12.30 19.56 -5.81
CA ASN B 964 -11.55 20.79 -5.51
C ASN B 964 -11.92 21.92 -6.49
N VAL B 965 -13.12 22.46 -6.29
CA VAL B 965 -13.62 23.56 -7.10
C VAL B 965 -14.38 24.56 -6.24
N GLU B 966 -15.10 25.48 -6.89
CA GLU B 966 -15.82 26.54 -6.20
C GLU B 966 -17.32 26.46 -6.47
N GLN B 967 -17.77 26.95 -7.62
CA GLN B 967 -19.16 26.88 -8.02
C GLN B 967 -19.26 26.30 -9.42
N ILE B 968 -20.31 25.52 -9.65
CA ILE B 968 -20.47 24.78 -10.90
C ILE B 968 -21.88 24.98 -11.44
N GLY B 969 -22.01 24.80 -12.75
CA GLY B 969 -23.32 24.73 -13.38
C GLY B 969 -23.90 23.34 -13.13
N ALA B 970 -25.21 23.28 -12.92
CA ALA B 970 -25.85 21.98 -12.68
C ALA B 970 -25.70 21.06 -13.88
N ASN B 971 -25.55 21.64 -15.08
CA ASN B 971 -25.39 20.84 -16.30
C ASN B 971 -23.93 20.55 -16.61
N ASP B 972 -22.99 20.98 -15.76
CA ASP B 972 -21.60 20.61 -15.95
C ASP B 972 -21.43 19.12 -15.67
N HIS B 973 -20.97 18.39 -16.68
CA HIS B 973 -20.70 16.96 -16.53
C HIS B 973 -19.73 16.73 -15.37
N PHE B 974 -20.10 15.81 -14.48
CA PHE B 974 -19.37 15.42 -13.31
C PHE B 974 -17.82 15.33 -13.54
N PHE B 975 -17.42 15.11 -14.76
CA PHE B 975 -15.99 15.10 -15.05
C PHE B 975 -15.46 16.36 -15.69
N ALA B 976 -16.31 17.39 -15.77
CA ALA B 976 -15.82 18.70 -16.18
C ALA B 976 -14.77 19.20 -15.20
N LEU B 977 -14.85 18.76 -13.94
CA LEU B 977 -13.84 19.02 -12.93
C LEU B 977 -12.84 17.88 -12.80
N GLY B 978 -12.74 17.03 -13.83
CA GLY B 978 -11.80 15.94 -13.84
C GLY B 978 -12.24 14.68 -13.14
N GLY B 979 -13.52 14.60 -12.75
CA GLY B 979 -14.02 13.46 -11.99
C GLY B 979 -13.84 12.13 -12.70
N ASP B 980 -13.37 11.12 -11.96
CA ASP B 980 -13.16 9.80 -12.53
C ASP B 980 -14.01 8.75 -11.82
N SER B 981 -13.56 7.50 -11.83
CA SER B 981 -14.29 6.43 -11.18
C SER B 981 -14.14 6.50 -9.66
N ILE B 982 -12.89 6.56 -9.17
CA ILE B 982 -12.63 6.55 -7.74
C ILE B 982 -13.29 7.75 -7.05
N LYS B 983 -13.17 8.93 -7.67
CA LYS B 983 -13.81 10.12 -7.10
C LYS B 983 -15.32 10.08 -7.25
N ALA B 984 -15.84 9.31 -8.21
CA ALA B 984 -17.30 9.13 -8.30
C ALA B 984 -17.82 8.37 -7.09
N ILE B 985 -17.10 7.34 -6.66
CA ILE B 985 -17.50 6.58 -5.47
C ILE B 985 -17.29 7.43 -4.23
N GLN B 986 -16.23 8.24 -4.20
CA GLN B 986 -15.99 9.12 -3.06
C GLN B 986 -17.14 10.10 -2.87
N VAL B 987 -17.66 10.64 -3.97
CA VAL B 987 -18.79 11.58 -3.88
C VAL B 987 -20.00 10.90 -3.29
N SER B 988 -20.40 9.76 -3.87
CA SER B 988 -21.59 9.07 -3.41
C SER B 988 -21.40 8.46 -2.02
N ALA B 989 -20.15 8.13 -1.65
CA ALA B 989 -19.90 7.64 -0.31
C ALA B 989 -20.21 8.70 0.73
N ARG B 990 -19.75 9.93 0.50
CA ARG B 990 -20.06 11.02 1.43
C ARG B 990 -21.53 11.38 1.41
N LEU B 991 -22.19 11.25 0.25
CA LEU B 991 -23.64 11.39 0.21
C LEU B 991 -24.31 10.27 0.99
N PHE B 992 -23.76 9.06 0.92
CA PHE B 992 -24.30 7.93 1.67
C PHE B 992 -24.18 8.15 3.17
N VAL B 993 -23.03 8.68 3.61
CA VAL B 993 -22.78 8.81 5.06
C VAL B 993 -23.75 9.79 5.68
N GLN B 994 -24.08 10.87 4.98
CA GLN B 994 -24.91 11.92 5.56
C GLN B 994 -26.40 11.60 5.51
N GLY B 995 -26.81 10.54 4.83
CA GLY B 995 -28.20 10.13 4.88
C GLY B 995 -28.90 10.06 3.54
N TYR B 996 -28.15 9.96 2.46
CA TYR B 996 -28.70 9.80 1.12
C TYR B 996 -28.41 8.38 0.64
N HIS B 997 -29.05 7.40 1.30
CA HIS B 997 -28.76 5.99 1.08
C HIS B 997 -29.55 5.46 -0.12
N LEU B 998 -29.19 5.95 -1.30
CA LEU B 998 -29.81 5.46 -2.52
C LEU B 998 -28.77 4.95 -3.52
N ASP B 999 -28.96 5.28 -4.79
CA ASP B 999 -28.08 4.81 -5.86
C ASP B 999 -26.73 5.51 -5.74
N THR B 1000 -25.74 4.81 -5.20
CA THR B 1000 -24.39 5.33 -5.09
C THR B 1000 -23.59 5.22 -6.38
N LYS B 1001 -24.17 4.60 -7.42
CA LYS B 1001 -23.58 4.66 -8.75
C LYS B 1001 -24.28 5.73 -9.56
N SER B 1002 -24.36 5.55 -10.87
CA SER B 1002 -25.11 6.45 -11.75
C SER B 1002 -24.59 7.89 -11.66
N LEU B 1003 -23.27 8.03 -11.66
CA LEU B 1003 -22.65 9.36 -11.67
C LEU B 1003 -22.18 9.79 -13.05
N PHE B 1004 -21.90 8.85 -13.95
CA PHE B 1004 -21.53 9.18 -15.31
C PHE B 1004 -22.68 9.01 -16.30
N GLU B 1005 -23.66 8.17 -15.97
CA GLU B 1005 -24.84 8.00 -16.82
C GLU B 1005 -25.80 9.18 -16.74
N PHE B 1006 -25.63 10.05 -15.75
CA PHE B 1006 -26.52 11.21 -15.53
C PHE B 1006 -25.65 12.43 -15.36
N PRO B 1007 -25.37 13.17 -16.44
CA PRO B 1007 -24.46 14.32 -16.35
C PRO B 1007 -24.96 15.43 -15.44
N VAL B 1008 -26.26 15.71 -15.45
CA VAL B 1008 -26.80 16.86 -14.74
C VAL B 1008 -26.61 16.68 -13.25
N LEU B 1009 -26.14 17.72 -12.57
CA LEU B 1009 -25.98 17.70 -11.13
C LEU B 1009 -27.31 17.40 -10.43
N ARG B 1010 -28.40 18.00 -10.92
CA ARG B 1010 -29.71 17.77 -10.31
C ARG B 1010 -30.17 16.33 -10.51
N ASP B 1011 -29.91 15.75 -11.68
CA ASP B 1011 -30.32 14.38 -11.95
C ASP B 1011 -29.70 13.42 -10.95
N VAL B 1012 -28.46 13.69 -10.52
CA VAL B 1012 -27.85 12.88 -9.48
C VAL B 1012 -28.52 13.15 -8.13
N ALA B 1013 -28.92 14.40 -7.89
CA ALA B 1013 -29.57 14.75 -6.62
C ALA B 1013 -30.91 14.04 -6.48
N ARG B 1014 -31.69 13.98 -7.56
CA ARG B 1014 -32.96 13.26 -7.53
C ARG B 1014 -32.75 11.76 -7.40
N THR B 1015 -31.55 11.26 -7.66
CA THR B 1015 -31.25 9.84 -7.60
C THR B 1015 -30.65 9.39 -6.28
N ILE B 1016 -30.06 10.31 -5.51
CA ILE B 1016 -29.31 9.92 -4.32
C ILE B 1016 -30.13 10.20 -3.05
N LYS B 1017 -30.98 11.22 -3.07
CA LYS B 1017 -31.79 11.54 -1.92
C LYS B 1017 -33.16 10.87 -2.03
N LYS B 1018 -33.95 11.01 -0.96
CA LYS B 1018 -35.27 10.39 -0.77
C LYS B 1018 -35.11 8.92 -0.40
N LEU B 1019 -36.15 8.34 0.22
CA LEU B 1019 -36.11 6.99 0.74
C LEU B 1019 -34.94 6.81 1.69
N ALA B 1020 -33.74 6.59 1.14
CA ALA B 1020 -32.50 6.41 1.91
C ALA B 1020 -32.67 5.25 2.87
N ALA B 1021 -32.70 5.46 4.19
CA ALA B 1021 -32.51 4.44 5.22
C ALA B 1021 -33.73 3.53 5.42
N ALA B 1022 -34.82 4.10 5.96
CA ALA B 1022 -36.18 3.53 6.09
C ALA B 1022 -36.99 4.31 7.15
#